data_8W7X
#
_entry.id   8W7X
#
_cell.length_a   92.414
_cell.length_b   92.414
_cell.length_c   148.059
_cell.angle_alpha   90.00
_cell.angle_beta   90.00
_cell.angle_gamma   120.00
#
_symmetry.space_group_name_H-M   'P 31'
#
loop_
_entity.id
_entity.type
_entity.pdbx_description
1 polymer 'SPS_Carbon Anhydrase'
2 non-polymer 'SULFATE ION'
3 non-polymer 'ZINC ION'
4 non-polymer 'BICARBONATE ION'
5 non-polymer 1,2-ETHANEDIOL
6 water water
#
_entity_poly.entity_id   1
_entity_poly.type   'polypeptide(L)'
_entity_poly.pdbx_seq_one_letter_code
;HHWSYEGENGPENWAKLNPEYFWCNLKNQSPVDISDNYKVHAKLEKLHINYNKAVNPEIVNNGHTIKVSYEPGSYIVVDG
IKFELKQFHFHAPSEHKLKGQHYPFEAHFVHADKHGNLAVIGVFFKEGRENPILEKIWKVMPENAGEEVKLAHKINAEDL
LPKDRDYYRYSGSLTTPPCTEGVLWIVLKQPITASKQQIELFKSIMKHNNNRPTQPINSRYILESN
;
_entity_poly.pdbx_strand_id   A,B,C,D
#
# COMPACT_ATOMS: atom_id res chain seq x y z
N HIS A 1 -17.53 -15.22 -21.11
CA HIS A 1 -16.46 -16.21 -21.03
C HIS A 1 -15.18 -15.67 -20.35
N HIS A 2 -14.79 -14.42 -20.65
CA HIS A 2 -13.74 -13.75 -19.89
C HIS A 2 -14.22 -13.42 -18.50
N TRP A 3 -13.32 -13.51 -17.52
CA TRP A 3 -13.66 -13.11 -16.16
C TRP A 3 -13.00 -11.80 -15.79
N SER A 4 -13.57 -11.11 -14.82
CA SER A 4 -12.98 -9.87 -14.32
C SER A 4 -13.31 -9.72 -12.84
N TYR A 5 -12.83 -8.63 -12.26
CA TYR A 5 -13.09 -8.34 -10.86
C TYR A 5 -14.30 -7.43 -10.66
N GLU A 6 -15.01 -7.06 -11.73
CA GLU A 6 -16.18 -6.19 -11.57
C GLU A 6 -17.21 -6.48 -12.65
N GLY A 7 -18.46 -6.14 -12.35
CA GLY A 7 -19.50 -6.16 -13.36
C GLY A 7 -20.15 -7.51 -13.58
N GLU A 8 -20.64 -7.75 -14.80
CA GLU A 8 -21.40 -8.97 -15.07
C GLU A 8 -20.53 -10.22 -14.99
N ASN A 9 -19.24 -10.12 -15.33
CA ASN A 9 -18.35 -11.26 -15.20
C ASN A 9 -17.43 -11.16 -13.97
N GLY A 10 -17.90 -10.50 -12.92
CA GLY A 10 -17.16 -10.33 -11.69
C GLY A 10 -17.36 -11.48 -10.74
N PRO A 11 -16.76 -11.39 -9.54
CA PRO A 11 -16.58 -12.59 -8.70
C PRO A 11 -17.85 -13.33 -8.33
N GLU A 12 -18.96 -12.63 -8.10
CA GLU A 12 -20.18 -13.33 -7.75
C GLU A 12 -20.74 -14.14 -8.93
N ASN A 13 -20.33 -13.86 -10.16
CA ASN A 13 -20.85 -14.58 -11.32
C ASN A 13 -19.82 -15.51 -11.97
N TRP A 14 -18.66 -15.71 -11.35
CA TRP A 14 -17.61 -16.51 -11.97
C TRP A 14 -18.09 -17.92 -12.30
N ALA A 15 -18.86 -18.54 -11.40
CA ALA A 15 -19.26 -19.93 -11.59
C ALA A 15 -20.16 -20.09 -12.81
N LYS A 16 -20.90 -19.04 -13.17
CA LYS A 16 -21.73 -19.05 -14.37
C LYS A 16 -20.94 -18.93 -15.68
N LEU A 17 -19.67 -18.52 -15.64
CA LEU A 17 -18.95 -18.27 -16.88
C LEU A 17 -18.48 -19.55 -17.56
N ASN A 18 -18.29 -20.62 -16.82
CA ASN A 18 -17.62 -21.79 -17.35
C ASN A 18 -17.91 -22.94 -16.40
N PRO A 19 -18.39 -24.08 -16.90
CA PRO A 19 -18.55 -25.27 -16.04
C PRO A 19 -17.32 -25.64 -15.23
N GLU A 20 -16.12 -25.38 -15.77
CA GLU A 20 -14.89 -25.61 -15.00
C GLU A 20 -14.78 -24.71 -13.78
N TYR A 21 -15.57 -23.65 -13.69
CA TYR A 21 -15.45 -22.75 -12.56
C TYR A 21 -16.43 -23.08 -11.43
N PHE A 22 -16.98 -24.30 -11.40
CA PHE A 22 -17.98 -24.64 -10.38
C PHE A 22 -17.42 -24.46 -8.97
N TRP A 23 -16.10 -24.65 -8.79
CA TRP A 23 -15.47 -24.49 -7.49
C TRP A 23 -15.77 -23.14 -6.85
N CYS A 24 -15.99 -22.11 -7.67
CA CYS A 24 -15.98 -20.76 -7.12
C CYS A 24 -17.13 -20.51 -6.16
N ASN A 25 -18.17 -21.36 -6.19
CA ASN A 25 -19.34 -21.24 -5.32
C ASN A 25 -19.34 -22.20 -4.14
N LEU A 26 -18.27 -22.95 -3.90
CA LEU A 26 -18.32 -23.98 -2.87
C LEU A 26 -17.92 -23.40 -1.52
N LYS A 27 -17.47 -24.25 -0.59
CA LYS A 27 -17.45 -23.93 0.84
C LYS A 27 -16.06 -23.74 1.43
N ASN A 28 -14.99 -23.90 0.65
CA ASN A 28 -13.64 -23.77 1.18
C ASN A 28 -12.82 -22.83 0.30
N GLN A 29 -13.39 -21.66 0.04
CA GLN A 29 -12.83 -20.67 -0.87
C GLN A 29 -11.89 -19.72 -0.14
N SER A 30 -11.06 -19.06 -0.93
CA SER A 30 -10.08 -18.07 -0.49
C SER A 30 -10.29 -16.81 -1.31
N PRO A 31 -9.86 -15.64 -0.81
CA PRO A 31 -9.20 -15.41 0.48
C PRO A 31 -10.24 -15.32 1.60
N VAL A 32 -9.78 -15.21 2.83
CA VAL A 32 -10.64 -15.07 3.98
C VAL A 32 -10.18 -13.89 4.83
N ASP A 33 -11.09 -13.42 5.67
CA ASP A 33 -10.78 -12.48 6.73
C ASP A 33 -10.10 -13.23 7.87
N ILE A 34 -8.84 -12.93 8.16
CA ILE A 34 -8.13 -13.56 9.27
C ILE A 34 -8.61 -12.87 10.55
N SER A 35 -9.57 -13.49 11.24
CA SER A 35 -10.27 -12.90 12.37
C SER A 35 -10.05 -13.72 13.64
N ASP A 36 -10.04 -13.01 14.78
CA ASP A 36 -9.84 -13.66 16.09
C ASP A 36 -10.89 -14.72 16.36
N ASN A 37 -12.11 -14.52 15.83
CA ASN A 37 -13.22 -15.42 16.06
C ASN A 37 -12.89 -16.86 15.66
N TYR A 38 -12.12 -17.05 14.59
CA TYR A 38 -11.87 -18.41 14.12
C TYR A 38 -10.40 -18.60 13.80
N LYS A 39 -9.55 -18.19 14.73
CA LYS A 39 -8.11 -18.37 14.62
C LYS A 39 -7.62 -18.91 15.94
N VAL A 40 -6.74 -19.91 15.91
CA VAL A 40 -6.23 -20.53 17.13
C VAL A 40 -4.75 -20.77 16.98
N HIS A 41 -4.02 -20.68 18.09
CA HIS A 41 -2.61 -21.02 18.07
C HIS A 41 -2.43 -22.53 18.05
N ALA A 42 -1.26 -22.98 17.58
CA ALA A 42 -1.04 -24.40 17.42
C ALA A 42 0.46 -24.67 17.25
N LYS A 43 0.83 -25.92 17.53
CA LYS A 43 2.20 -26.38 17.33
C LYS A 43 2.35 -26.76 15.86
N LEU A 44 2.96 -25.87 15.08
CA LEU A 44 3.11 -26.08 13.65
C LEU A 44 4.59 -26.16 13.29
N GLU A 45 4.90 -26.97 12.28
CA GLU A 45 6.27 -27.12 11.82
C GLU A 45 6.80 -25.79 11.29
N LYS A 46 8.11 -25.60 11.43
CA LYS A 46 8.80 -24.47 10.81
C LYS A 46 8.70 -24.56 9.28
N LEU A 47 8.43 -23.43 8.64
CA LEU A 47 8.51 -23.33 7.19
C LEU A 47 9.89 -23.75 6.70
N HIS A 48 9.92 -24.59 5.66
CA HIS A 48 11.16 -25.02 5.02
C HIS A 48 11.19 -24.46 3.61
N ILE A 49 11.94 -23.37 3.42
CA ILE A 49 11.95 -22.63 2.16
C ILE A 49 13.35 -22.75 1.55
N ASN A 50 13.42 -23.33 0.35
CA ASN A 50 14.69 -23.58 -0.34
C ASN A 50 14.64 -22.97 -1.75
N TYR A 51 14.80 -21.64 -1.82
CA TYR A 51 14.73 -20.89 -3.07
C TYR A 51 16.12 -20.53 -3.58
N ASN A 52 16.39 -20.85 -4.85
CA ASN A 52 17.57 -20.36 -5.54
C ASN A 52 17.18 -19.20 -6.46
N LYS A 53 18.20 -18.58 -7.05
CA LYS A 53 17.99 -17.52 -8.01
C LYS A 53 17.16 -18.01 -9.19
N ALA A 54 16.36 -17.11 -9.77
CA ALA A 54 15.76 -17.30 -11.08
C ALA A 54 16.45 -16.39 -12.08
N VAL A 55 17.06 -16.96 -13.09
CA VAL A 55 17.78 -16.15 -14.09
C VAL A 55 16.78 -15.67 -15.14
N ASN A 56 16.72 -14.35 -15.32
CA ASN A 56 15.96 -13.71 -16.39
C ASN A 56 14.53 -14.23 -16.55
N PRO A 57 13.71 -14.20 -15.50
CA PRO A 57 12.33 -14.71 -15.59
C PRO A 57 11.45 -13.91 -16.56
N GLU A 58 10.42 -14.56 -17.08
CA GLU A 58 9.39 -13.88 -17.85
C GLU A 58 8.44 -13.13 -16.91
N ILE A 59 8.04 -11.94 -17.32
CA ILE A 59 7.07 -11.14 -16.60
C ILE A 59 5.90 -10.89 -17.54
N VAL A 60 4.70 -11.26 -17.10
CA VAL A 60 3.50 -11.20 -17.93
C VAL A 60 2.47 -10.31 -17.25
N ASN A 61 1.84 -9.44 -18.04
CA ASN A 61 0.62 -8.76 -17.62
C ASN A 61 -0.50 -9.50 -18.34
N ASN A 62 -1.25 -10.32 -17.61
CA ASN A 62 -2.31 -11.10 -18.24
C ASN A 62 -3.67 -10.43 -18.13
N GLY A 63 -3.71 -9.15 -17.77
CA GLY A 63 -4.95 -8.43 -17.59
C GLY A 63 -5.54 -8.53 -16.19
N HIS A 64 -5.08 -9.48 -15.39
CA HIS A 64 -5.58 -9.70 -14.05
C HIS A 64 -4.56 -9.39 -12.98
N THR A 65 -3.28 -9.46 -13.32
CA THR A 65 -2.18 -9.33 -12.37
C THR A 65 -0.90 -9.22 -13.19
N ILE A 66 0.19 -8.90 -12.51
CA ILE A 66 1.55 -9.00 -13.03
C ILE A 66 2.11 -10.29 -12.45
N LYS A 67 2.50 -11.21 -13.32
CA LYS A 67 2.94 -12.54 -12.92
C LYS A 67 4.39 -12.73 -13.33
N VAL A 68 5.20 -13.26 -12.42
CA VAL A 68 6.62 -13.53 -12.66
C VAL A 68 6.82 -15.03 -12.69
N SER A 69 7.27 -15.56 -13.83
CA SER A 69 7.58 -16.99 -13.94
C SER A 69 8.92 -17.32 -13.30
N TYR A 70 8.96 -18.42 -12.56
CA TYR A 70 10.16 -18.82 -11.83
C TYR A 70 10.79 -20.06 -12.45
N GLU A 71 12.11 -20.05 -12.54
CA GLU A 71 12.79 -21.17 -13.16
C GLU A 71 12.77 -22.39 -12.23
N PRO A 72 12.77 -23.59 -12.79
CA PRO A 72 12.65 -24.82 -11.98
C PRO A 72 13.76 -24.99 -10.94
N GLY A 73 13.41 -25.71 -9.87
CA GLY A 73 14.38 -26.15 -8.89
C GLY A 73 14.33 -25.47 -7.54
N SER A 74 13.37 -24.56 -7.32
CA SER A 74 13.17 -23.96 -6.01
C SER A 74 11.89 -24.52 -5.39
N TYR A 75 11.90 -24.77 -4.09
CA TYR A 75 10.75 -25.46 -3.52
C TYR A 75 10.60 -25.15 -2.03
N ILE A 76 9.40 -25.44 -1.53
CA ILE A 76 9.15 -25.56 -0.10
C ILE A 76 8.86 -27.02 0.18
N VAL A 77 9.11 -27.43 1.43
CA VAL A 77 8.78 -28.76 1.90
C VAL A 77 7.77 -28.58 3.02
N VAL A 78 6.55 -29.09 2.81
CA VAL A 78 5.50 -29.04 3.81
C VAL A 78 4.96 -30.44 3.98
N ASP A 79 4.74 -30.85 5.24
CA ASP A 79 4.18 -32.16 5.56
C ASP A 79 4.93 -33.27 4.82
N GLY A 80 6.23 -33.08 4.64
CA GLY A 80 7.07 -34.00 3.93
C GLY A 80 7.03 -33.92 2.42
N ILE A 81 6.22 -33.03 1.84
CA ILE A 81 6.01 -32.96 0.39
C ILE A 81 6.74 -31.75 -0.19
N LYS A 82 7.44 -31.98 -1.31
CA LYS A 82 8.12 -30.93 -2.06
C LYS A 82 7.13 -30.22 -2.98
N PHE A 83 6.91 -28.93 -2.76
CA PHE A 83 6.13 -28.09 -3.68
C PHE A 83 7.09 -27.14 -4.40
N GLU A 84 7.14 -27.24 -5.72
CA GLU A 84 8.08 -26.43 -6.49
C GLU A 84 7.46 -25.06 -6.79
N LEU A 85 8.25 -23.99 -6.60
CA LEU A 85 7.77 -22.66 -6.92
C LEU A 85 7.62 -22.49 -8.43
N LYS A 86 6.43 -22.13 -8.90
CA LYS A 86 6.16 -21.94 -10.31
C LYS A 86 6.16 -20.47 -10.73
N GLN A 87 5.63 -19.59 -9.90
CA GLN A 87 5.40 -18.20 -10.26
C GLN A 87 4.99 -17.46 -9.00
N PHE A 88 5.15 -16.14 -9.02
CA PHE A 88 4.51 -15.31 -8.02
C PHE A 88 3.85 -14.13 -8.73
N HIS A 89 2.88 -13.52 -8.07
CA HIS A 89 2.10 -12.44 -8.68
C HIS A 89 1.52 -11.62 -7.54
N PHE A 90 0.76 -10.57 -7.89
CA PHE A 90 0.47 -9.50 -6.94
C PHE A 90 -1.00 -9.09 -6.97
N HIS A 91 -1.49 -8.63 -5.82
CA HIS A 91 -2.83 -8.10 -5.68
C HIS A 91 -2.79 -6.80 -4.90
N ALA A 92 -3.59 -5.84 -5.34
CA ALA A 92 -3.78 -4.57 -4.66
C ALA A 92 -5.25 -4.22 -4.73
N PRO A 93 -5.92 -3.97 -3.61
CA PRO A 93 -5.35 -4.14 -2.27
C PRO A 93 -5.17 -5.62 -1.96
N SER A 94 -4.70 -5.96 -0.76
CA SER A 94 -4.50 -7.37 -0.44
C SER A 94 -5.80 -8.17 -0.56
N GLU A 95 -5.63 -9.47 -0.74
CA GLU A 95 -6.76 -10.39 -0.80
C GLU A 95 -7.21 -10.78 0.59
N HIS A 96 -6.30 -11.33 1.37
CA HIS A 96 -6.59 -11.61 2.77
C HIS A 96 -6.74 -10.31 3.54
N LYS A 97 -7.65 -10.32 4.52
CA LYS A 97 -7.77 -9.22 5.47
C LYS A 97 -7.26 -9.70 6.82
N LEU A 98 -6.82 -8.75 7.62
CA LEU A 98 -6.52 -9.03 9.03
C LEU A 98 -7.47 -8.18 9.86
N LYS A 99 -8.27 -8.85 10.69
CA LYS A 99 -9.23 -8.18 11.57
C LYS A 99 -10.11 -7.22 10.79
N GLY A 100 -10.44 -7.59 9.56
CA GLY A 100 -11.24 -6.76 8.70
C GLY A 100 -10.47 -5.70 7.91
N GLN A 101 -9.14 -5.62 8.07
CA GLN A 101 -8.32 -4.61 7.42
C GLN A 101 -7.58 -5.18 6.21
N HIS A 102 -7.61 -4.45 5.10
CA HIS A 102 -6.73 -4.72 3.97
C HIS A 102 -5.33 -4.16 4.20
N TYR A 103 -4.33 -4.86 3.68
CA TYR A 103 -3.05 -4.22 3.41
C TYR A 103 -3.07 -3.65 2.01
N PRO A 104 -2.18 -2.71 1.69
CA PRO A 104 -2.24 -2.10 0.35
C PRO A 104 -1.83 -3.06 -0.77
N PHE A 105 -1.20 -4.19 -0.44
CA PHE A 105 -0.48 -4.96 -1.43
C PHE A 105 -0.22 -6.35 -0.86
N GLU A 106 -0.30 -7.39 -1.71
CA GLU A 106 -0.09 -8.77 -1.31
C GLU A 106 0.56 -9.53 -2.46
N ALA A 107 1.57 -10.33 -2.15
CA ALA A 107 2.20 -11.23 -3.10
C ALA A 107 1.82 -12.69 -2.81
N HIS A 108 1.56 -13.46 -3.87
CA HIS A 108 1.28 -14.89 -3.77
C HIS A 108 2.35 -15.67 -4.49
N PHE A 109 2.99 -16.60 -3.78
CA PHE A 109 4.00 -17.49 -4.36
C PHE A 109 3.35 -18.85 -4.56
N VAL A 110 3.12 -19.23 -5.82
CA VAL A 110 2.33 -20.41 -6.15
C VAL A 110 3.27 -21.60 -6.40
N HIS A 111 3.04 -22.69 -5.68
CA HIS A 111 3.85 -23.89 -5.74
C HIS A 111 2.99 -25.08 -6.11
N ALA A 112 3.60 -26.10 -6.71
CA ALA A 112 2.83 -27.29 -7.04
C ALA A 112 3.73 -28.50 -6.87
N ASP A 113 3.20 -29.56 -6.26
CA ASP A 113 3.97 -30.77 -6.10
C ASP A 113 3.98 -31.54 -7.43
N LYS A 114 4.55 -32.75 -7.44
CA LYS A 114 4.73 -33.45 -8.71
C LYS A 114 3.41 -33.93 -9.32
N HIS A 115 2.34 -33.96 -8.54
CA HIS A 115 1.03 -34.34 -9.07
C HIS A 115 0.13 -33.14 -9.31
N GLY A 116 0.64 -31.91 -9.15
CA GLY A 116 -0.15 -30.73 -9.39
C GLY A 116 -0.90 -30.17 -8.20
N ASN A 117 -0.76 -30.77 -7.01
CA ASN A 117 -1.32 -30.18 -5.80
C ASN A 117 -0.66 -28.85 -5.51
N LEU A 118 -1.43 -27.92 -4.94
CA LEU A 118 -0.99 -26.54 -4.86
C LEU A 118 -0.79 -26.10 -3.42
N ALA A 119 0.26 -25.31 -3.21
CA ALA A 119 0.53 -24.59 -1.97
C ALA A 119 0.85 -23.14 -2.33
N VAL A 120 0.22 -22.19 -1.64
CA VAL A 120 0.44 -20.77 -1.93
C VAL A 120 0.93 -20.08 -0.67
N ILE A 121 2.04 -19.34 -0.78
CA ILE A 121 2.52 -18.46 0.28
C ILE A 121 2.06 -17.05 -0.03
N GLY A 122 1.41 -16.42 0.96
CA GLY A 122 0.98 -15.04 0.86
C GLY A 122 1.87 -14.15 1.74
N VAL A 123 2.26 -13.01 1.20
CA VAL A 123 3.08 -12.02 1.90
C VAL A 123 2.38 -10.68 1.79
N PHE A 124 2.16 -10.04 2.93
CA PHE A 124 1.58 -8.71 2.99
C PHE A 124 2.65 -7.64 2.79
N PHE A 125 2.31 -6.57 2.09
CA PHE A 125 3.18 -5.40 2.04
C PHE A 125 2.46 -4.21 2.66
N LYS A 126 3.17 -3.46 3.51
CA LYS A 126 2.69 -2.14 3.87
C LYS A 126 3.54 -1.08 3.17
N GLU A 127 2.98 0.12 3.09
CA GLU A 127 3.68 1.24 2.48
C GLU A 127 4.87 1.64 3.35
N GLY A 128 6.04 1.75 2.73
CA GLY A 128 7.24 2.10 3.47
C GLY A 128 8.45 2.26 2.58
N ARG A 129 9.58 1.69 3.02
CA ARG A 129 10.77 1.67 2.19
C ARG A 129 10.57 0.81 0.94
N GLU A 130 11.21 1.24 -0.14
CA GLU A 130 11.14 0.55 -1.42
C GLU A 130 11.68 -0.88 -1.30
N ASN A 131 11.04 -1.83 -2.02
CA ASN A 131 11.59 -3.19 -2.04
C ASN A 131 12.49 -3.35 -3.25
N PRO A 132 13.69 -3.92 -3.08
CA PRO A 132 14.67 -3.95 -4.20
C PRO A 132 14.37 -4.99 -5.27
N ILE A 133 13.75 -6.12 -4.93
CA ILE A 133 13.29 -7.03 -5.97
C ILE A 133 12.17 -6.39 -6.78
N LEU A 134 11.18 -5.85 -6.08
CA LEU A 134 10.09 -5.18 -6.78
C LEU A 134 10.62 -4.11 -7.72
N GLU A 135 11.68 -3.42 -7.31
CA GLU A 135 12.23 -2.35 -8.13
C GLU A 135 12.68 -2.86 -9.49
N LYS A 136 13.34 -4.02 -9.50
CA LYS A 136 13.80 -4.61 -10.76
C LYS A 136 12.63 -5.00 -11.66
N ILE A 137 11.62 -5.66 -11.10
CA ILE A 137 10.46 -6.06 -11.89
C ILE A 137 9.67 -4.84 -12.36
N TRP A 138 9.49 -3.87 -11.47
CA TRP A 138 8.67 -2.70 -11.77
C TRP A 138 9.28 -1.87 -12.89
N LYS A 139 10.60 -1.92 -13.01
CA LYS A 139 11.29 -1.14 -14.02
C LYS A 139 10.84 -1.55 -15.43
N VAL A 140 10.43 -2.80 -15.60
CA VAL A 140 10.18 -3.29 -16.96
C VAL A 140 8.84 -4.02 -17.13
N MET A 141 7.99 -4.04 -16.08
CA MET A 141 6.66 -4.64 -16.13
C MET A 141 5.86 -4.14 -17.33
N PRO A 142 5.19 -5.02 -18.08
CA PRO A 142 4.34 -4.56 -19.18
C PRO A 142 3.13 -3.78 -18.69
N GLU A 143 2.83 -2.69 -19.37
CA GLU A 143 1.79 -1.78 -18.89
C GLU A 143 0.42 -2.15 -19.40
N ASN A 144 0.33 -3.02 -20.40
CA ASN A 144 -0.94 -3.37 -21.02
C ASN A 144 -1.13 -4.89 -20.99
N ALA A 145 -2.40 -5.29 -20.95
CA ALA A 145 -2.77 -6.68 -20.84
C ALA A 145 -2.31 -7.47 -22.06
N GLY A 146 -1.95 -8.74 -21.83
CA GLY A 146 -1.50 -9.57 -22.94
C GLY A 146 -0.08 -9.30 -23.38
N GLU A 147 0.76 -8.71 -22.54
CA GLU A 147 2.15 -8.45 -22.91
C GLU A 147 3.09 -9.17 -21.95
N GLU A 148 4.24 -9.57 -22.50
CA GLU A 148 5.29 -10.33 -21.84
C GLU A 148 6.63 -9.66 -22.13
N VAL A 149 7.53 -9.64 -21.13
CA VAL A 149 8.92 -9.25 -21.30
C VAL A 149 9.80 -10.18 -20.46
N LYS A 150 11.06 -10.31 -20.86
CA LYS A 150 12.05 -11.01 -20.02
C LYS A 150 12.78 -10.01 -19.15
N LEU A 151 12.84 -10.27 -17.86
CA LEU A 151 13.70 -9.50 -16.98
C LEU A 151 15.14 -9.79 -17.37
N ALA A 152 15.98 -8.76 -17.40
CA ALA A 152 17.41 -8.96 -17.70
C ALA A 152 18.25 -8.95 -16.43
N HIS A 153 17.82 -9.70 -15.43
CA HIS A 153 18.46 -9.74 -14.12
C HIS A 153 18.10 -11.06 -13.47
N LYS A 154 18.92 -11.47 -12.51
CA LYS A 154 18.58 -12.55 -11.61
C LYS A 154 17.87 -11.98 -10.38
N ILE A 155 16.94 -12.76 -9.83
CA ILE A 155 16.24 -12.38 -8.62
C ILE A 155 16.04 -13.62 -7.77
N ASN A 156 15.93 -13.43 -6.46
CA ASN A 156 15.64 -14.52 -5.54
C ASN A 156 14.36 -14.18 -4.79
N ALA A 157 13.32 -14.99 -4.96
CA ALA A 157 12.06 -14.76 -4.26
C ALA A 157 12.24 -14.72 -2.73
N GLU A 158 13.31 -15.28 -2.19
CA GLU A 158 13.52 -15.23 -0.75
C GLU A 158 13.62 -13.78 -0.26
N ASP A 159 14.02 -12.85 -1.12
CA ASP A 159 14.08 -11.45 -0.76
C ASP A 159 12.73 -10.74 -0.85
N LEU A 160 11.67 -11.46 -1.22
CA LEU A 160 10.31 -10.95 -1.08
C LEU A 160 9.61 -11.53 0.14
N LEU A 161 10.33 -12.23 1.02
CA LEU A 161 9.74 -12.75 2.25
C LEU A 161 10.23 -11.95 3.44
N PRO A 162 9.48 -11.92 4.54
CA PRO A 162 10.02 -11.35 5.78
C PRO A 162 11.05 -12.29 6.38
N LYS A 163 11.92 -11.71 7.21
CA LYS A 163 12.87 -12.50 7.99
C LYS A 163 12.12 -13.39 8.97
N ASP A 164 11.20 -12.82 9.75
CA ASP A 164 10.34 -13.57 10.66
C ASP A 164 9.39 -14.46 9.86
N ARG A 165 9.44 -15.77 10.11
CA ARG A 165 8.72 -16.76 9.31
C ARG A 165 7.54 -17.39 10.06
N ASP A 166 6.94 -16.66 10.99
CA ASP A 166 5.68 -17.09 11.60
C ASP A 166 4.54 -16.91 10.59
N TYR A 167 3.51 -17.74 10.73
CA TYR A 167 2.52 -17.77 9.66
C TYR A 167 1.15 -18.22 10.15
N TYR A 168 0.14 -17.90 9.34
CA TYR A 168 -1.18 -18.50 9.42
C TYR A 168 -1.28 -19.60 8.37
N ARG A 169 -2.05 -20.64 8.69
CA ARG A 169 -2.22 -21.79 7.82
C ARG A 169 -3.70 -22.13 7.72
N TYR A 170 -4.19 -22.37 6.52
CA TYR A 170 -5.56 -22.85 6.41
C TYR A 170 -5.76 -23.52 5.06
N SER A 171 -6.85 -24.30 4.97
CA SER A 171 -7.20 -25.01 3.74
C SER A 171 -8.15 -24.15 2.90
N GLY A 172 -7.81 -23.93 1.65
CA GLY A 172 -8.54 -22.99 0.81
C GLY A 172 -8.47 -23.30 -0.66
N SER A 173 -8.45 -22.25 -1.47
CA SER A 173 -8.65 -22.38 -2.90
C SER A 173 -7.76 -21.38 -3.63
N LEU A 174 -7.66 -21.57 -4.94
CA LEU A 174 -7.20 -20.47 -5.80
C LEU A 174 -8.17 -19.29 -5.68
N THR A 175 -7.64 -18.08 -5.81
CA THR A 175 -8.50 -16.91 -5.70
C THR A 175 -8.91 -16.34 -7.04
N THR A 176 -8.51 -16.98 -8.14
CA THR A 176 -9.02 -16.69 -9.46
C THR A 176 -9.59 -17.97 -10.05
N PRO A 177 -10.48 -17.87 -11.03
CA PRO A 177 -11.01 -19.07 -11.69
C PRO A 177 -9.87 -19.94 -12.20
N PRO A 178 -10.00 -21.29 -12.13
CA PRO A 178 -11.20 -22.03 -11.73
C PRO A 178 -11.48 -22.12 -10.21
N CYS A 179 -10.70 -21.47 -9.35
CA CYS A 179 -10.92 -21.45 -7.89
C CYS A 179 -10.78 -22.82 -7.25
N THR A 180 -9.94 -23.68 -7.81
CA THR A 180 -9.75 -25.04 -7.32
C THR A 180 -9.49 -25.06 -5.82
N GLU A 181 -10.12 -26.01 -5.11
CA GLU A 181 -9.93 -26.14 -3.67
C GLU A 181 -8.84 -27.18 -3.41
N GLY A 182 -8.62 -27.53 -2.15
CA GLY A 182 -7.47 -28.34 -1.79
C GLY A 182 -6.15 -27.57 -1.76
N VAL A 183 -6.19 -26.25 -1.77
CA VAL A 183 -4.97 -25.44 -1.76
C VAL A 183 -4.54 -25.22 -0.32
N LEU A 184 -3.29 -25.52 -0.03
CA LEU A 184 -2.73 -25.17 1.26
C LEU A 184 -2.29 -23.71 1.27
N TRP A 185 -2.89 -22.90 2.14
CA TRP A 185 -2.52 -21.49 2.26
C TRP A 185 -1.59 -21.27 3.44
N ILE A 186 -0.49 -20.58 3.20
CA ILE A 186 0.46 -20.19 4.21
C ILE A 186 0.62 -18.67 4.10
N VAL A 187 0.12 -17.93 5.11
CA VAL A 187 0.14 -16.47 5.08
C VAL A 187 1.13 -16.01 6.16
N LEU A 188 2.19 -15.33 5.75
CA LEU A 188 3.23 -14.93 6.70
C LEU A 188 2.72 -13.80 7.57
N LYS A 189 2.98 -13.89 8.88
CA LYS A 189 2.45 -12.91 9.84
C LYS A 189 3.03 -11.52 9.59
N GLN A 190 4.33 -11.43 9.36
CA GLN A 190 5.04 -10.15 9.35
C GLN A 190 4.97 -9.52 7.97
N PRO A 191 4.39 -8.34 7.82
CA PRO A 191 4.47 -7.65 6.52
C PRO A 191 5.88 -7.15 6.23
N ILE A 192 6.20 -7.05 4.95
CA ILE A 192 7.37 -6.29 4.52
C ILE A 192 6.86 -5.03 3.82
N THR A 193 7.74 -4.31 3.13
CA THR A 193 7.37 -2.97 2.67
C THR A 193 7.60 -2.82 1.18
N ALA A 194 6.72 -2.02 0.57
CA ALA A 194 6.89 -1.48 -0.77
C ALA A 194 6.74 0.03 -0.65
N SER A 195 7.36 0.76 -1.58
CA SER A 195 7.23 2.21 -1.54
C SER A 195 5.88 2.65 -2.07
N LYS A 196 5.56 3.91 -1.76
CA LYS A 196 4.38 4.56 -2.35
C LYS A 196 4.42 4.50 -3.87
N GLN A 197 5.59 4.79 -4.45
CA GLN A 197 5.73 4.71 -5.90
C GLN A 197 5.48 3.31 -6.42
N GLN A 198 5.98 2.28 -5.73
CA GLN A 198 5.74 0.92 -6.20
C GLN A 198 4.26 0.57 -6.15
N ILE A 199 3.57 0.92 -5.06
CA ILE A 199 2.14 0.64 -4.97
C ILE A 199 1.37 1.44 -6.01
N GLU A 200 1.72 2.71 -6.21
CA GLU A 200 0.96 3.53 -7.15
C GLU A 200 1.12 3.05 -8.59
N LEU A 201 2.34 2.64 -8.97
CA LEU A 201 2.53 2.20 -10.35
C LEU A 201 1.76 0.92 -10.63
N PHE A 202 1.80 -0.04 -9.70
CA PHE A 202 1.03 -1.28 -9.88
C PHE A 202 -0.46 -0.98 -10.02
N LYS A 203 -1.02 -0.18 -9.10
CA LYS A 203 -2.44 0.14 -9.16
C LYS A 203 -2.78 0.87 -10.45
N SER A 204 -1.86 1.72 -10.91
CA SER A 204 -2.10 2.48 -12.14
C SER A 204 -2.12 1.55 -13.34
N ILE A 205 -1.21 0.57 -13.38
CA ILE A 205 -1.18 -0.36 -14.50
C ILE A 205 -2.39 -1.29 -14.46
N MET A 206 -2.79 -1.76 -13.28
CA MET A 206 -3.96 -2.62 -13.19
C MET A 206 -5.25 -1.89 -13.50
N LYS A 207 -5.26 -0.56 -13.42
CA LYS A 207 -6.41 0.31 -13.68
C LYS A 207 -7.49 0.19 -12.62
N HIS A 208 -7.74 -1.01 -12.07
CA HIS A 208 -8.74 -1.21 -11.03
C HIS A 208 -8.21 -2.18 -9.98
N ASN A 209 -8.88 -2.23 -8.83
CA ASN A 209 -8.51 -3.23 -7.84
C ASN A 209 -8.58 -4.61 -8.45
N ASN A 210 -7.69 -5.49 -8.02
CA ASN A 210 -7.59 -6.83 -8.57
C ASN A 210 -7.54 -7.87 -7.45
N ASN A 211 -8.37 -7.68 -6.43
CA ASN A 211 -8.46 -8.62 -5.31
C ASN A 211 -9.86 -9.24 -5.27
N ARG A 212 -9.91 -10.54 -5.04
CA ARG A 212 -11.22 -11.15 -4.84
C ARG A 212 -11.75 -10.82 -3.44
N PRO A 213 -13.02 -10.46 -3.29
CA PRO A 213 -13.57 -10.25 -1.94
C PRO A 213 -13.41 -11.49 -1.08
N THR A 214 -13.26 -11.27 0.23
CA THR A 214 -13.10 -12.38 1.15
C THR A 214 -14.35 -13.25 1.17
N GLN A 215 -14.14 -14.51 1.45
CA GLN A 215 -15.12 -15.57 1.30
C GLN A 215 -15.51 -16.13 2.67
N PRO A 216 -16.72 -16.67 2.81
CA PRO A 216 -17.13 -17.19 4.13
C PRO A 216 -16.19 -18.30 4.61
N ILE A 217 -15.78 -18.17 5.87
CA ILE A 217 -14.91 -19.17 6.50
C ILE A 217 -15.62 -20.51 6.65
N ASN A 218 -16.95 -20.49 6.81
CA ASN A 218 -17.76 -21.69 7.01
C ASN A 218 -17.25 -22.52 8.18
N SER A 219 -16.88 -23.78 7.95
CA SER A 219 -16.53 -24.66 9.06
C SER A 219 -15.03 -24.71 9.35
N ARG A 220 -14.23 -23.82 8.76
CA ARG A 220 -12.77 -23.87 8.90
C ARG A 220 -12.28 -23.07 10.11
N TYR A 221 -11.11 -23.47 10.60
CA TYR A 221 -10.29 -22.64 11.48
C TYR A 221 -8.99 -22.23 10.77
N ILE A 222 -8.46 -21.09 11.18
CA ILE A 222 -7.15 -20.62 10.76
C ILE A 222 -6.16 -20.93 11.89
N LEU A 223 -5.08 -21.62 11.57
CA LEU A 223 -4.07 -21.94 12.56
C LEU A 223 -2.98 -20.88 12.56
N GLU A 224 -2.44 -20.57 13.74
CA GLU A 224 -1.36 -19.61 13.89
C GLU A 224 -0.18 -20.28 14.58
N SER A 225 1.00 -20.20 13.97
CA SER A 225 2.18 -20.86 14.52
C SER A 225 2.72 -20.13 15.77
N ASN A 226 3.25 -20.91 16.70
N HIS B 1 -30.97 -46.41 -9.25
CA HIS B 1 -29.57 -45.98 -9.20
C HIS B 1 -29.07 -45.77 -7.79
N HIS B 2 -29.53 -46.60 -6.87
CA HIS B 2 -29.31 -46.32 -5.46
C HIS B 2 -27.82 -46.42 -5.14
N TRP B 3 -27.30 -45.40 -4.47
CA TRP B 3 -25.92 -45.50 -4.04
C TRP B 3 -25.81 -46.56 -2.95
N SER B 4 -24.64 -47.18 -2.87
CA SER B 4 -24.43 -48.21 -1.86
C SER B 4 -22.99 -48.13 -1.38
N TYR B 5 -22.64 -49.02 -0.46
CA TYR B 5 -21.31 -49.09 0.10
C TYR B 5 -20.44 -50.12 -0.60
N GLU B 6 -20.95 -50.75 -1.65
CA GLU B 6 -20.26 -51.85 -2.33
C GLU B 6 -20.64 -51.85 -3.80
N GLY B 7 -19.75 -52.40 -4.62
CA GLY B 7 -20.13 -52.72 -5.98
C GLY B 7 -20.03 -51.53 -6.91
N GLU B 8 -20.79 -51.60 -8.00
CA GLU B 8 -20.71 -50.57 -9.04
C GLU B 8 -21.26 -49.23 -8.57
N ASN B 9 -22.19 -49.22 -7.60
CA ASN B 9 -22.72 -47.99 -7.04
C ASN B 9 -22.05 -47.60 -5.72
N GLY B 10 -20.87 -48.17 -5.44
CA GLY B 10 -20.17 -47.92 -4.21
C GLY B 10 -19.43 -46.60 -4.21
N PRO B 11 -18.73 -46.34 -3.10
CA PRO B 11 -18.22 -44.99 -2.81
C PRO B 11 -17.28 -44.41 -3.85
N GLU B 12 -16.50 -45.24 -4.57
CA GLU B 12 -15.64 -44.69 -5.61
C GLU B 12 -16.43 -44.15 -6.79
N ASN B 13 -17.70 -44.55 -6.95
CA ASN B 13 -18.49 -44.14 -8.09
C ASN B 13 -19.57 -43.13 -7.76
N TRP B 14 -19.67 -42.70 -6.50
CA TRP B 14 -20.81 -41.89 -6.09
C TRP B 14 -20.95 -40.63 -6.94
N ALA B 15 -19.85 -39.91 -7.18
CA ALA B 15 -19.92 -38.65 -7.93
C ALA B 15 -20.40 -38.87 -9.36
N LYS B 16 -20.22 -40.08 -9.91
CA LYS B 16 -20.69 -40.38 -11.25
C LYS B 16 -22.20 -40.55 -11.32
N LEU B 17 -22.83 -40.92 -10.19
CA LEU B 17 -24.20 -41.42 -10.24
C LEU B 17 -25.22 -40.32 -10.49
N ASN B 18 -24.92 -39.10 -10.12
CA ASN B 18 -25.99 -38.11 -10.00
C ASN B 18 -25.32 -36.75 -10.04
N PRO B 19 -25.85 -35.78 -10.79
CA PRO B 19 -25.21 -34.45 -10.82
C PRO B 19 -25.14 -33.79 -9.45
N GLU B 20 -26.08 -34.10 -8.54
CA GLU B 20 -26.04 -33.54 -7.20
C GLU B 20 -24.90 -34.09 -6.34
N TYR B 21 -24.32 -35.23 -6.72
CA TYR B 21 -23.27 -35.84 -5.90
C TYR B 21 -21.86 -35.39 -6.28
N PHE B 22 -21.71 -34.25 -6.96
CA PHE B 22 -20.37 -33.83 -7.41
C PHE B 22 -19.43 -33.62 -6.23
N TRP B 23 -19.95 -33.29 -5.05
CA TRP B 23 -19.11 -33.07 -3.87
C TRP B 23 -18.27 -34.29 -3.52
N CYS B 24 -18.78 -35.49 -3.80
CA CYS B 24 -18.13 -36.70 -3.30
C CYS B 24 -16.73 -36.87 -3.84
N ASN B 25 -16.36 -36.13 -4.89
CA ASN B 25 -15.05 -36.20 -5.52
C ASN B 25 -14.16 -35.02 -5.17
N LEU B 26 -14.53 -34.18 -4.22
CA LEU B 26 -13.74 -32.96 -4.04
C LEU B 26 -12.73 -33.12 -2.92
N LYS B 27 -12.34 -32.02 -2.28
CA LYS B 27 -11.07 -31.95 -1.57
C LYS B 27 -11.21 -31.90 -0.05
N ASN B 28 -12.42 -31.82 0.47
CA ASN B 28 -12.62 -31.68 1.91
C ASN B 28 -13.66 -32.67 2.41
N GLN B 29 -13.44 -33.93 2.07
CA GLN B 29 -14.42 -34.99 2.30
C GLN B 29 -14.18 -35.67 3.65
N SER B 30 -15.25 -36.29 4.15
CA SER B 30 -15.21 -37.05 5.39
C SER B 30 -15.63 -38.48 5.07
N PRO B 31 -15.31 -39.45 5.94
CA PRO B 31 -14.61 -39.34 7.21
C PRO B 31 -13.12 -39.32 6.95
N VAL B 32 -12.29 -39.10 7.97
CA VAL B 32 -10.84 -39.08 7.84
C VAL B 32 -10.23 -39.99 8.89
N ASP B 33 -9.02 -40.46 8.60
CA ASP B 33 -8.18 -41.10 9.60
C ASP B 33 -7.61 -40.03 10.53
N ILE B 34 -7.86 -40.14 11.83
CA ILE B 34 -7.33 -39.18 12.80
C ILE B 34 -5.96 -39.70 13.23
N SER B 35 -4.91 -39.20 12.58
CA SER B 35 -3.54 -39.66 12.83
C SER B 35 -2.62 -38.49 13.17
N ASP B 36 -1.50 -38.82 13.81
CA ASP B 36 -0.62 -37.80 14.42
C ASP B 36 0.01 -36.88 13.40
N ASN B 37 0.25 -37.35 12.18
CA ASN B 37 0.89 -36.53 11.15
C ASN B 37 0.14 -35.24 10.86
N TYR B 38 -1.17 -35.19 11.09
CA TYR B 38 -1.90 -33.97 10.77
C TYR B 38 -2.99 -33.70 11.80
N LYS B 39 -2.66 -33.92 13.07
CA LYS B 39 -3.46 -33.42 14.18
C LYS B 39 -2.55 -32.56 15.03
N VAL B 40 -3.07 -31.43 15.50
CA VAL B 40 -2.33 -30.56 16.41
C VAL B 40 -3.25 -30.20 17.57
N HIS B 41 -2.64 -29.88 18.70
CA HIS B 41 -3.36 -29.42 19.86
C HIS B 41 -3.69 -27.93 19.73
N ALA B 42 -4.83 -27.53 20.29
CA ALA B 42 -5.19 -26.11 20.26
C ALA B 42 -6.14 -25.79 21.41
N LYS B 43 -6.19 -24.51 21.74
CA LYS B 43 -7.13 -24.03 22.76
C LYS B 43 -8.48 -23.82 22.08
N LEU B 44 -9.36 -24.82 22.23
CA LEU B 44 -10.66 -24.80 21.61
C LEU B 44 -11.72 -24.53 22.68
N GLU B 45 -12.84 -23.96 22.25
CA GLU B 45 -13.92 -23.67 23.19
C GLU B 45 -14.47 -24.96 23.79
N LYS B 46 -14.94 -24.86 25.02
CA LYS B 46 -15.75 -25.91 25.62
C LYS B 46 -16.96 -26.20 24.74
N LEU B 47 -17.28 -27.47 24.60
CA LEU B 47 -18.53 -27.88 23.98
C LEU B 47 -19.73 -27.40 24.79
N HIS B 48 -20.67 -26.73 24.15
CA HIS B 48 -21.89 -26.26 24.79
C HIS B 48 -23.06 -27.07 24.23
N ILE B 49 -23.56 -28.00 25.03
CA ILE B 49 -24.58 -28.96 24.61
C ILE B 49 -25.83 -28.73 25.46
N ASN B 50 -26.97 -28.47 24.79
CA ASN B 50 -28.22 -28.13 25.46
C ASN B 50 -29.34 -29.00 24.88
N TYR B 51 -29.43 -30.25 25.35
CA TYR B 51 -30.36 -31.23 24.83
C TYR B 51 -31.52 -31.47 25.79
N ASN B 52 -32.73 -31.47 25.25
CA ASN B 52 -33.91 -31.92 25.97
C ASN B 52 -34.30 -33.32 25.49
N LYS B 53 -35.26 -33.90 26.20
CA LYS B 53 -35.86 -35.18 25.83
C LYS B 53 -36.59 -35.04 24.49
N ALA B 54 -36.51 -36.10 23.70
CA ALA B 54 -37.37 -36.25 22.53
C ALA B 54 -38.52 -37.15 22.92
N VAL B 55 -39.74 -36.68 22.71
CA VAL B 55 -40.94 -37.43 23.07
C VAL B 55 -41.42 -38.20 21.85
N ASN B 56 -41.44 -39.53 21.96
CA ASN B 56 -41.92 -40.41 20.92
C ASN B 56 -41.31 -40.17 19.53
N PRO B 57 -39.99 -40.22 19.40
CA PRO B 57 -39.37 -39.99 18.08
C PRO B 57 -39.67 -41.10 17.07
N GLU B 58 -39.62 -40.72 15.80
CA GLU B 58 -39.74 -41.67 14.70
C GLU B 58 -38.41 -42.36 14.46
N ILE B 59 -38.44 -43.66 14.20
CA ILE B 59 -37.23 -44.42 13.91
C ILE B 59 -37.35 -44.98 12.50
N VAL B 60 -36.37 -44.66 11.66
CA VAL B 60 -36.42 -44.97 10.23
C VAL B 60 -35.24 -45.86 9.87
N ASN B 61 -35.53 -46.96 9.18
CA ASN B 61 -34.55 -47.70 8.40
C ASN B 61 -34.63 -47.18 6.96
N ASN B 62 -33.66 -46.37 6.55
CA ASN B 62 -33.68 -45.85 5.19
C ASN B 62 -32.87 -46.68 4.21
N GLY B 63 -32.49 -47.91 4.60
CA GLY B 63 -31.70 -48.76 3.76
C GLY B 63 -30.21 -48.55 3.88
N HIS B 64 -29.78 -47.48 4.53
CA HIS B 64 -28.36 -47.22 4.74
C HIS B 64 -27.98 -47.06 6.20
N THR B 65 -28.94 -46.82 7.08
CA THR B 65 -28.66 -46.61 8.50
C THR B 65 -30.00 -46.73 9.21
N ILE B 66 -29.94 -46.70 10.53
CA ILE B 66 -31.10 -46.50 11.37
C ILE B 66 -31.02 -45.06 11.89
N LYS B 67 -32.04 -44.27 11.60
CA LYS B 67 -32.05 -42.83 11.87
C LYS B 67 -33.15 -42.52 12.86
N VAL B 68 -32.84 -41.71 13.87
CA VAL B 68 -33.81 -41.34 14.89
C VAL B 68 -34.05 -39.85 14.76
N SER B 69 -35.29 -39.45 14.49
CA SER B 69 -35.63 -38.04 14.38
C SER B 69 -35.74 -37.40 15.76
N TYR B 70 -35.38 -36.13 15.84
CA TYR B 70 -35.37 -35.42 17.10
C TYR B 70 -36.31 -34.22 17.01
N GLU B 71 -37.13 -34.02 18.05
CA GLU B 71 -38.06 -32.91 18.05
C GLU B 71 -37.33 -31.59 18.30
N PRO B 72 -37.81 -30.48 17.72
CA PRO B 72 -37.06 -29.23 17.79
C PRO B 72 -36.89 -28.71 19.21
N GLY B 73 -35.88 -27.88 19.40
CA GLY B 73 -35.63 -27.24 20.68
C GLY B 73 -34.33 -27.65 21.35
N SER B 74 -33.62 -28.65 20.85
CA SER B 74 -32.34 -29.05 21.40
C SER B 74 -31.23 -28.58 20.48
N TYR B 75 -30.14 -28.10 21.06
CA TYR B 75 -29.13 -27.48 20.24
C TYR B 75 -27.77 -27.56 20.94
N ILE B 76 -26.74 -27.28 20.15
CA ILE B 76 -25.39 -26.99 20.62
C ILE B 76 -25.07 -25.57 20.20
N VAL B 77 -24.20 -24.93 20.95
CA VAL B 77 -23.71 -23.61 20.60
C VAL B 77 -22.23 -23.74 20.27
N VAL B 78 -21.88 -23.43 19.02
CA VAL B 78 -20.51 -23.47 18.57
C VAL B 78 -20.20 -22.13 17.95
N ASP B 79 -19.05 -21.55 18.32
CA ASP B 79 -18.61 -20.27 17.76
C ASP B 79 -19.70 -19.21 17.84
N GLY B 80 -20.51 -19.28 18.91
CA GLY B 80 -21.65 -18.39 19.08
C GLY B 80 -22.94 -18.83 18.42
N ILE B 81 -22.87 -19.67 17.39
CA ILE B 81 -24.05 -20.05 16.61
C ILE B 81 -24.76 -21.23 17.25
N LYS B 82 -26.09 -21.19 17.27
CA LYS B 82 -26.87 -22.35 17.68
C LYS B 82 -27.08 -23.29 16.49
N PHE B 83 -26.76 -24.56 16.68
CA PHE B 83 -27.09 -25.60 15.72
C PHE B 83 -28.10 -26.52 16.39
N GLU B 84 -29.29 -26.63 15.79
CA GLU B 84 -30.33 -27.46 16.37
C GLU B 84 -30.14 -28.93 15.97
N LEU B 85 -30.25 -29.83 16.94
CA LEU B 85 -30.17 -31.26 16.66
C LEU B 85 -31.37 -31.70 15.84
N LYS B 86 -31.11 -32.36 14.71
CA LYS B 86 -32.19 -32.82 13.84
C LYS B 86 -32.43 -34.31 13.92
N GLN B 87 -31.37 -35.11 14.07
CA GLN B 87 -31.48 -36.56 14.00
C GLN B 87 -30.13 -37.14 14.41
N PHE B 88 -30.13 -38.42 14.78
CA PHE B 88 -28.87 -39.15 14.93
C PHE B 88 -29.05 -40.54 14.33
N HIS B 89 -27.94 -41.16 13.96
CA HIS B 89 -27.96 -42.42 13.21
C HIS B 89 -26.61 -43.10 13.40
N PHE B 90 -26.44 -44.28 12.81
CA PHE B 90 -25.38 -45.18 13.24
C PHE B 90 -24.63 -45.81 12.05
N HIS B 91 -23.34 -46.08 12.29
CA HIS B 91 -22.47 -46.75 11.34
C HIS B 91 -21.71 -47.86 12.06
N ALA B 92 -21.56 -49.00 11.39
CA ALA B 92 -20.75 -50.11 11.88
C ALA B 92 -19.98 -50.66 10.69
N PRO B 93 -18.63 -50.75 10.77
CA PRO B 93 -17.85 -50.19 11.87
C PRO B 93 -17.77 -48.67 11.79
N SER B 94 -16.96 -48.07 12.65
CA SER B 94 -16.87 -46.62 12.69
C SER B 94 -16.44 -46.07 11.33
N GLU B 95 -16.87 -44.85 11.03
CA GLU B 95 -16.39 -44.21 9.82
C GLU B 95 -15.04 -43.56 10.04
N HIS B 96 -14.92 -42.76 11.10
CA HIS B 96 -13.63 -42.23 11.49
C HIS B 96 -12.74 -43.33 12.05
N LYS B 97 -11.45 -43.21 11.76
CA LYS B 97 -10.41 -44.11 12.26
C LYS B 97 -9.53 -43.34 13.22
N LEU B 98 -9.04 -44.03 14.24
CA LEU B 98 -8.17 -43.42 15.22
C LEU B 98 -6.79 -44.05 15.04
N LYS B 99 -5.84 -43.26 14.53
CA LYS B 99 -4.50 -43.75 14.23
C LYS B 99 -4.56 -45.06 13.45
N GLY B 100 -5.42 -45.07 12.41
CA GLY B 100 -5.52 -46.19 11.51
C GLY B 100 -6.44 -47.32 11.92
N GLN B 101 -7.04 -47.25 13.11
CA GLN B 101 -7.88 -48.33 13.64
C GLN B 101 -9.34 -47.94 13.74
N HIS B 102 -10.23 -48.87 13.44
CA HIS B 102 -11.67 -48.67 13.55
C HIS B 102 -12.15 -48.92 14.97
N TYR B 103 -13.20 -48.21 15.36
CA TYR B 103 -14.06 -48.66 16.43
C TYR B 103 -15.17 -49.53 15.85
N PRO B 104 -15.79 -50.40 16.66
CA PRO B 104 -16.85 -51.27 16.14
C PRO B 104 -18.13 -50.54 15.77
N PHE B 105 -18.28 -49.26 16.13
CA PHE B 105 -19.59 -48.62 16.05
C PHE B 105 -19.40 -47.13 16.28
N GLU B 106 -20.20 -46.32 15.57
CA GLU B 106 -20.11 -44.86 15.62
C GLU B 106 -21.52 -44.28 15.47
N ALA B 107 -21.85 -43.28 16.28
CA ALA B 107 -23.09 -42.54 16.17
C ALA B 107 -22.80 -41.12 15.69
N HIS B 108 -23.69 -40.61 14.84
CA HIS B 108 -23.56 -39.26 14.28
C HIS B 108 -24.77 -38.44 14.71
N PHE B 109 -24.54 -37.29 15.35
CA PHE B 109 -25.59 -36.38 15.79
C PHE B 109 -25.58 -35.18 14.86
N VAL B 110 -26.62 -35.05 14.04
CA VAL B 110 -26.62 -34.10 12.94
C VAL B 110 -27.41 -32.85 13.34
N HIS B 111 -26.76 -31.69 13.21
CA HIS B 111 -27.31 -30.41 13.62
C HIS B 111 -27.33 -29.45 12.45
N ALA B 112 -28.24 -28.48 12.49
CA ALA B 112 -28.29 -27.45 11.47
C ALA B 112 -28.62 -26.11 12.11
N ASP B 113 -27.94 -25.06 11.69
CA ASP B 113 -28.24 -23.71 12.17
C ASP B 113 -29.44 -23.16 11.39
N LYS B 114 -29.83 -21.92 11.67
CA LYS B 114 -31.05 -21.38 11.07
C LYS B 114 -30.89 -21.14 9.57
N HIS B 115 -29.67 -21.10 9.04
CA HIS B 115 -29.47 -21.03 7.60
C HIS B 115 -29.22 -22.40 6.97
N GLY B 116 -29.20 -23.47 7.75
CA GLY B 116 -29.00 -24.81 7.21
C GLY B 116 -27.57 -25.28 7.19
N ASN B 117 -26.63 -24.51 7.73
CA ASN B 117 -25.24 -24.97 7.89
C ASN B 117 -25.20 -26.12 8.88
N LEU B 118 -24.36 -27.11 8.61
CA LEU B 118 -24.40 -28.39 9.32
C LEU B 118 -23.22 -28.54 10.26
N ALA B 119 -23.48 -29.18 11.40
CA ALA B 119 -22.45 -29.59 12.35
C ALA B 119 -22.81 -30.98 12.83
N VAL B 120 -21.84 -31.88 12.82
CA VAL B 120 -22.06 -33.26 13.20
C VAL B 120 -21.17 -33.58 14.38
N ILE B 121 -21.75 -34.19 15.41
CA ILE B 121 -21.01 -34.75 16.53
C ILE B 121 -20.90 -36.24 16.33
N GLY B 122 -19.67 -36.76 16.36
CA GLY B 122 -19.42 -38.18 16.22
C GLY B 122 -19.03 -38.76 17.57
N VAL B 123 -19.63 -39.91 17.90
CA VAL B 123 -19.35 -40.61 19.15
C VAL B 123 -18.95 -42.05 18.82
N PHE B 124 -17.79 -42.47 19.33
CA PHE B 124 -17.34 -43.84 19.13
C PHE B 124 -17.96 -44.76 20.18
N PHE B 125 -18.14 -46.03 19.81
CA PHE B 125 -18.57 -47.07 20.74
C PHE B 125 -17.54 -48.20 20.79
N LYS B 126 -17.28 -48.70 22.00
CA LYS B 126 -16.51 -49.91 22.20
C LYS B 126 -17.41 -51.00 22.78
N GLU B 127 -17.06 -52.25 22.51
CA GLU B 127 -17.82 -53.37 23.08
C GLU B 127 -17.70 -53.36 24.60
N GLY B 128 -18.80 -53.66 25.26
CA GLY B 128 -18.83 -53.61 26.71
C GLY B 128 -20.24 -53.78 27.24
N ARG B 129 -20.63 -52.92 28.18
CA ARG B 129 -21.96 -52.98 28.76
C ARG B 129 -23.00 -52.58 27.73
N GLU B 130 -24.07 -53.37 27.62
CA GLU B 130 -25.22 -52.99 26.82
C GLU B 130 -25.61 -51.55 27.12
N ASN B 131 -25.80 -50.76 26.08
CA ASN B 131 -26.29 -49.40 26.25
C ASN B 131 -27.80 -49.44 26.32
N PRO B 132 -28.42 -49.05 27.43
CA PRO B 132 -29.86 -49.27 27.59
C PRO B 132 -30.72 -48.28 26.81
N ILE B 133 -30.21 -47.09 26.50
CA ILE B 133 -30.95 -46.21 25.60
C ILE B 133 -30.89 -46.73 24.17
N LEU B 134 -29.75 -47.29 23.77
CA LEU B 134 -29.69 -48.05 22.52
C LEU B 134 -30.71 -49.19 22.54
N GLU B 135 -30.88 -49.82 23.70
CA GLU B 135 -31.77 -50.98 23.77
C GLU B 135 -33.23 -50.60 23.52
N LYS B 136 -33.64 -49.39 23.91
CA LYS B 136 -34.96 -48.88 23.58
C LYS B 136 -35.17 -48.78 22.06
N ILE B 137 -34.16 -48.31 21.32
CA ILE B 137 -34.28 -48.17 19.88
C ILE B 137 -34.22 -49.53 19.19
N TRP B 138 -33.26 -50.36 19.58
CA TRP B 138 -33.07 -51.68 18.98
C TRP B 138 -34.30 -52.55 19.13
N LYS B 139 -35.03 -52.39 20.23
CA LYS B 139 -36.20 -53.23 20.48
C LYS B 139 -37.25 -53.08 19.38
N VAL B 140 -37.27 -51.93 18.71
CA VAL B 140 -38.36 -51.61 17.77
C VAL B 140 -37.87 -51.30 16.37
N MET B 141 -36.54 -51.24 16.15
CA MET B 141 -35.83 -51.01 14.88
C MET B 141 -36.50 -51.71 13.70
N PRO B 142 -36.97 -50.99 12.70
CA PRO B 142 -37.50 -51.65 11.49
C PRO B 142 -36.39 -52.44 10.80
N GLU B 143 -36.69 -53.67 10.43
CA GLU B 143 -35.67 -54.54 9.85
C GLU B 143 -35.50 -54.36 8.34
N ASN B 144 -36.44 -53.70 7.66
CA ASN B 144 -36.41 -53.57 6.21
C ASN B 144 -36.32 -52.11 5.80
N ALA B 145 -35.61 -51.87 4.70
CA ALA B 145 -35.44 -50.52 4.17
C ALA B 145 -36.80 -49.87 3.87
N GLY B 146 -36.86 -48.55 4.03
CA GLY B 146 -38.07 -47.82 3.75
C GLY B 146 -39.16 -47.97 4.79
N GLU B 147 -38.82 -48.38 6.00
CA GLU B 147 -39.79 -48.60 7.06
C GLU B 147 -39.53 -47.63 8.22
N GLU B 148 -40.63 -47.21 8.85
CA GLU B 148 -40.61 -46.20 9.90
C GLU B 148 -41.54 -46.69 11.01
N VAL B 149 -41.09 -46.54 12.25
CA VAL B 149 -41.92 -46.81 13.42
C VAL B 149 -41.78 -45.63 14.37
N LYS B 150 -42.77 -45.48 15.23
CA LYS B 150 -42.76 -44.45 16.25
C LYS B 150 -42.36 -45.12 17.57
N LEU B 151 -41.29 -44.64 18.19
CA LEU B 151 -40.92 -45.12 19.51
C LEU B 151 -41.90 -44.58 20.54
N ALA B 152 -42.52 -45.45 21.33
CA ALA B 152 -43.43 -45.00 22.38
C ALA B 152 -42.71 -44.77 23.70
N HIS B 153 -41.58 -44.06 23.65
CA HIS B 153 -40.82 -43.71 24.85
C HIS B 153 -40.16 -42.37 24.63
N LYS B 154 -39.85 -41.70 25.73
CA LYS B 154 -38.97 -40.54 25.71
C LYS B 154 -37.52 -41.02 25.68
N ILE B 155 -36.66 -40.24 25.02
CA ILE B 155 -35.21 -40.48 25.05
C ILE B 155 -34.49 -39.16 25.02
N ASN B 156 -33.35 -39.11 25.70
CA ASN B 156 -32.49 -37.94 25.68
C ASN B 156 -31.15 -38.33 25.04
N ALA B 157 -30.82 -37.66 23.92
CA ALA B 157 -29.59 -37.94 23.19
C ALA B 157 -28.33 -37.67 24.02
N GLU B 158 -28.44 -36.84 25.06
CA GLU B 158 -27.33 -36.65 25.99
C GLU B 158 -26.82 -37.98 26.56
N ASP B 159 -27.73 -38.94 26.78
CA ASP B 159 -27.37 -40.25 27.31
C ASP B 159 -26.57 -41.10 26.34
N LEU B 160 -26.39 -40.64 25.11
CA LEU B 160 -25.51 -41.28 24.14
C LEU B 160 -24.23 -40.49 23.93
N LEU B 161 -23.90 -39.60 24.87
CA LEU B 161 -22.62 -38.90 24.84
C LEU B 161 -21.79 -39.30 26.06
N PRO B 162 -20.47 -39.33 25.92
CA PRO B 162 -19.61 -39.51 27.10
C PRO B 162 -19.69 -38.29 28.02
N LYS B 163 -19.40 -38.54 29.30
CA LYS B 163 -19.34 -37.43 30.25
C LYS B 163 -18.14 -36.53 29.98
N ASP B 164 -17.02 -37.12 29.57
CA ASP B 164 -15.85 -36.36 29.17
C ASP B 164 -16.05 -35.82 27.76
N ARG B 165 -15.81 -34.52 27.58
CA ARG B 165 -16.22 -33.82 26.36
C ARG B 165 -15.03 -33.28 25.56
N ASP B 166 -13.83 -33.84 25.73
CA ASP B 166 -12.71 -33.50 24.87
C ASP B 166 -13.00 -33.99 23.45
N TYR B 167 -12.49 -33.27 22.45
CA TYR B 167 -12.92 -33.58 21.10
C TYR B 167 -11.86 -33.26 20.06
N TYR B 168 -12.05 -33.87 18.89
CA TYR B 168 -11.37 -33.48 17.67
C TYR B 168 -12.31 -32.63 16.84
N ARG B 169 -11.73 -31.67 16.09
CA ARG B 169 -12.50 -30.75 15.26
C ARG B 169 -11.83 -30.65 13.91
N TYR B 170 -12.61 -30.77 12.84
CA TYR B 170 -12.07 -30.47 11.51
C TYR B 170 -13.22 -30.09 10.59
N SER B 171 -12.85 -29.62 9.40
CA SER B 171 -13.79 -29.16 8.38
C SER B 171 -13.94 -30.27 7.34
N GLY B 172 -15.15 -30.80 7.19
CA GLY B 172 -15.37 -31.88 6.26
C GLY B 172 -16.69 -31.86 5.54
N SER B 173 -17.33 -33.03 5.41
CA SER B 173 -18.50 -33.21 4.57
C SER B 173 -19.47 -34.22 5.20
N LEU B 174 -20.67 -34.30 4.66
CA LEU B 174 -21.49 -35.48 4.87
C LEU B 174 -20.76 -36.70 4.30
N THR B 175 -20.96 -37.86 4.93
CA THR B 175 -20.28 -39.09 4.55
C THR B 175 -21.14 -39.99 3.68
N THR B 176 -22.32 -39.55 3.32
CA THR B 176 -23.19 -40.21 2.37
C THR B 176 -23.56 -39.17 1.31
N PRO B 177 -23.91 -39.59 0.11
CA PRO B 177 -24.35 -38.63 -0.92
C PRO B 177 -25.48 -37.77 -0.40
N PRO B 178 -25.54 -36.47 -0.75
CA PRO B 178 -24.68 -35.81 -1.75
C PRO B 178 -23.26 -35.37 -1.28
N CYS B 179 -22.85 -35.75 -0.07
CA CYS B 179 -21.50 -35.45 0.46
C CYS B 179 -21.21 -33.96 0.57
N THR B 180 -22.22 -33.13 0.86
CA THR B 180 -22.01 -31.68 0.96
C THR B 180 -20.86 -31.38 1.91
N GLU B 181 -19.98 -30.44 1.51
CA GLU B 181 -18.88 -29.97 2.34
C GLU B 181 -19.31 -28.74 3.14
N GLY B 182 -18.34 -28.07 3.79
CA GLY B 182 -18.66 -27.04 4.76
C GLY B 182 -19.29 -27.56 6.03
N VAL B 183 -19.07 -28.83 6.35
CA VAL B 183 -19.65 -29.44 7.53
C VAL B 183 -18.65 -29.30 8.67
N LEU B 184 -19.12 -28.82 9.82
CA LEU B 184 -18.29 -28.82 11.02
C LEU B 184 -18.36 -30.19 11.69
N TRP B 185 -17.22 -30.87 11.79
CA TRP B 185 -17.17 -32.16 12.47
C TRP B 185 -16.58 -31.99 13.86
N ILE B 186 -17.27 -32.53 14.86
CA ILE B 186 -16.79 -32.60 16.25
C ILE B 186 -16.83 -34.06 16.63
N VAL B 187 -15.67 -34.67 16.81
CA VAL B 187 -15.58 -36.08 17.17
C VAL B 187 -15.09 -36.17 18.62
N LEU B 188 -15.92 -36.77 19.48
CA LEU B 188 -15.57 -36.94 20.89
C LEU B 188 -14.53 -38.03 21.09
N LYS B 189 -13.51 -37.73 21.91
CA LYS B 189 -12.39 -38.65 22.09
C LYS B 189 -12.78 -39.89 22.87
N GLN B 190 -13.59 -39.72 23.92
CA GLN B 190 -13.92 -40.85 24.78
C GLN B 190 -15.06 -41.65 24.19
N PRO B 191 -14.88 -42.94 23.92
CA PRO B 191 -16.00 -43.79 23.51
C PRO B 191 -16.96 -44.06 24.67
N ILE B 192 -18.19 -44.40 24.30
CA ILE B 192 -19.09 -45.03 25.26
C ILE B 192 -19.21 -46.49 24.85
N THR B 193 -20.09 -47.26 25.50
CA THR B 193 -20.11 -48.69 25.27
C THR B 193 -21.45 -49.16 24.72
N ALA B 194 -21.38 -50.24 23.94
CA ALA B 194 -22.54 -51.03 23.56
C ALA B 194 -22.15 -52.49 23.65
N SER B 195 -23.14 -53.35 23.81
CA SER B 195 -22.84 -54.76 23.89
C SER B 195 -22.49 -55.30 22.50
N LYS B 196 -21.73 -56.39 22.50
CA LYS B 196 -21.46 -57.10 21.25
C LYS B 196 -22.76 -57.51 20.56
N GLN B 197 -23.77 -57.92 21.33
CA GLN B 197 -25.04 -58.31 20.73
C GLN B 197 -25.74 -57.12 20.07
N GLN B 198 -25.73 -55.95 20.71
CA GLN B 198 -26.34 -54.77 20.12
C GLN B 198 -25.65 -54.42 18.80
N ILE B 199 -24.33 -54.50 18.77
CA ILE B 199 -23.60 -54.18 17.54
C ILE B 199 -23.91 -55.19 16.45
N GLU B 200 -24.00 -56.48 16.79
CA GLU B 200 -24.21 -57.49 15.77
C GLU B 200 -25.64 -57.51 15.25
N LEU B 201 -26.62 -57.19 16.10
CA LEU B 201 -27.98 -57.04 15.61
C LEU B 201 -28.07 -55.91 14.57
N PHE B 202 -27.41 -54.77 14.85
CA PHE B 202 -27.38 -53.70 13.86
C PHE B 202 -26.75 -54.17 12.56
N LYS B 203 -25.63 -54.91 12.64
CA LYS B 203 -24.94 -55.33 11.42
C LYS B 203 -25.78 -56.29 10.58
N SER B 204 -26.47 -57.24 11.23
CA SER B 204 -27.27 -58.17 10.44
C SER B 204 -28.48 -57.48 9.83
N ILE B 205 -29.05 -56.47 10.50
CA ILE B 205 -30.14 -55.72 9.90
C ILE B 205 -29.64 -54.90 8.71
N MET B 206 -28.49 -54.26 8.87
CA MET B 206 -27.87 -53.52 7.77
C MET B 206 -27.41 -54.44 6.65
N LYS B 207 -27.06 -55.69 6.99
CA LYS B 207 -26.67 -56.74 6.05
C LYS B 207 -25.27 -56.55 5.48
N HIS B 208 -24.74 -55.33 5.54
CA HIS B 208 -23.37 -55.06 5.09
C HIS B 208 -22.84 -53.92 5.93
N ASN B 209 -21.52 -53.76 5.92
CA ASN B 209 -20.92 -52.57 6.51
C ASN B 209 -21.50 -51.34 5.85
N ASN B 210 -21.68 -50.27 6.64
CA ASN B 210 -22.28 -49.04 6.13
C ASN B 210 -21.42 -47.84 6.53
N ASN B 211 -20.10 -48.01 6.45
CA ASN B 211 -19.14 -46.95 6.66
C ASN B 211 -18.48 -46.57 5.33
N ARG B 212 -18.38 -45.28 5.07
CA ARG B 212 -17.61 -44.83 3.92
C ARG B 212 -16.11 -44.93 4.23
N PRO B 213 -15.29 -45.38 3.27
CA PRO B 213 -13.84 -45.39 3.50
C PRO B 213 -13.30 -44.00 3.83
N THR B 214 -12.21 -43.96 4.60
CA THR B 214 -11.63 -42.68 4.96
C THR B 214 -11.07 -42.00 3.71
N GLN B 215 -11.06 -40.68 3.76
CA GLN B 215 -10.80 -39.84 2.60
C GLN B 215 -9.52 -39.07 2.81
N PRO B 216 -8.85 -38.66 1.73
CA PRO B 216 -7.59 -37.90 1.86
C PRO B 216 -7.76 -36.62 2.67
N ILE B 217 -6.83 -36.41 3.61
CA ILE B 217 -6.88 -35.22 4.44
C ILE B 217 -6.56 -33.97 3.61
N ASN B 218 -5.77 -34.13 2.56
CA ASN B 218 -5.43 -33.04 1.61
C ASN B 218 -4.73 -31.93 2.39
N SER B 219 -5.17 -30.68 2.30
CA SER B 219 -4.48 -29.58 2.98
C SER B 219 -5.11 -29.21 4.33
N ARG B 220 -5.86 -30.12 4.94
CA ARG B 220 -6.48 -29.88 6.24
C ARG B 220 -5.58 -30.37 7.38
N TYR B 221 -5.79 -29.78 8.56
CA TYR B 221 -5.32 -30.30 9.84
C TYR B 221 -6.52 -30.60 10.74
N ILE B 222 -6.34 -31.56 11.65
CA ILE B 222 -7.35 -31.90 12.65
C ILE B 222 -6.95 -31.26 13.97
N LEU B 223 -7.90 -30.62 14.64
CA LEU B 223 -7.59 -29.93 15.88
C LEU B 223 -8.04 -30.79 17.06
N GLU B 224 -7.24 -30.75 18.13
CA GLU B 224 -7.50 -31.55 19.33
C GLU B 224 -7.65 -30.59 20.51
N SER B 225 -8.79 -30.68 21.20
CA SER B 225 -9.03 -29.80 22.34
C SER B 225 -8.10 -30.10 23.53
N ASN B 226 -8.07 -29.18 24.49
N HIS C 1 8.34 1.57 -21.51
CA HIS C 1 8.37 2.15 -20.17
C HIS C 1 8.99 3.54 -20.18
N HIS C 2 9.46 3.94 -21.36
CA HIS C 2 10.13 5.21 -21.51
C HIS C 2 9.13 6.34 -21.30
N TRP C 3 9.56 7.37 -20.57
CA TRP C 3 8.66 8.49 -20.35
C TRP C 3 8.37 9.19 -21.67
N SER C 4 7.21 9.83 -21.75
CA SER C 4 6.83 10.52 -22.98
C SER C 4 6.00 11.75 -22.60
N TYR C 5 5.55 12.47 -23.63
CA TYR C 5 4.77 13.68 -23.46
C TYR C 5 3.29 13.44 -23.58
N GLU C 6 2.85 12.19 -23.77
CA GLU C 6 1.43 11.87 -23.65
C GLU C 6 1.26 10.37 -23.45
N GLY C 7 0.01 9.98 -23.21
CA GLY C 7 -0.31 8.58 -23.00
C GLY C 7 -0.18 8.21 -21.54
N GLU C 8 -0.13 6.91 -21.31
CA GLU C 8 0.00 6.44 -19.94
C GLU C 8 1.37 6.75 -19.35
N ASN C 9 2.39 7.00 -20.17
CA ASN C 9 3.70 7.41 -19.68
C ASN C 9 3.90 8.91 -19.76
N GLY C 10 2.82 9.66 -19.93
CA GLY C 10 2.89 11.09 -20.07
C GLY C 10 3.12 11.80 -18.75
N PRO C 11 3.18 13.13 -18.81
CA PRO C 11 3.69 13.92 -17.68
C PRO C 11 2.93 13.74 -16.38
N GLU C 12 1.63 13.49 -16.40
CA GLU C 12 0.92 13.27 -15.14
C GLU C 12 1.38 12.00 -14.45
N ASN C 13 1.98 11.06 -15.16
CA ASN C 13 2.38 9.81 -14.54
C ASN C 13 3.88 9.67 -14.33
N TRP C 14 4.67 10.69 -14.65
CA TRP C 14 6.12 10.55 -14.62
C TRP C 14 6.62 10.05 -13.27
N ALA C 15 6.09 10.60 -12.17
CA ALA C 15 6.59 10.24 -10.85
C ALA C 15 6.32 8.78 -10.50
N LYS C 16 5.29 8.17 -11.11
CA LYS C 16 4.99 6.76 -10.88
C LYS C 16 5.99 5.83 -11.57
N LEU C 17 6.61 6.30 -12.66
CA LEU C 17 7.33 5.39 -13.56
C LEU C 17 8.60 4.86 -12.94
N ASN C 18 9.21 5.57 -11.99
CA ASN C 18 10.59 5.27 -11.65
C ASN C 18 10.86 5.91 -10.30
N PRO C 19 11.48 5.20 -9.35
CA PRO C 19 11.76 5.83 -8.05
C PRO C 19 12.59 7.11 -8.15
N GLU C 20 13.47 7.22 -9.15
CA GLU C 20 14.27 8.43 -9.33
C GLU C 20 13.45 9.64 -9.78
N TYR C 21 12.22 9.45 -10.27
CA TYR C 21 11.42 10.54 -10.77
C TYR C 21 10.50 11.14 -9.71
N PHE C 22 10.78 10.92 -8.42
CA PHE C 22 9.89 11.40 -7.37
C PHE C 22 9.75 12.92 -7.42
N TRP C 23 10.79 13.64 -7.87
CA TRP C 23 10.72 15.10 -7.96
C TRP C 23 9.52 15.59 -8.77
N CYS C 24 9.10 14.82 -9.78
CA CYS C 24 8.16 15.34 -10.77
C CYS C 24 6.82 15.71 -10.14
N ASN C 25 6.57 15.25 -8.92
CA ASN C 25 5.33 15.44 -8.18
C ASN C 25 5.45 16.44 -7.05
N LEU C 26 6.58 17.15 -6.93
CA LEU C 26 6.75 18.00 -5.76
C LEU C 26 6.34 19.43 -6.08
N LYS C 27 6.92 20.40 -5.36
CA LYS C 27 6.28 21.71 -5.17
C LYS C 27 6.96 22.85 -5.93
N ASN C 28 8.13 22.64 -6.51
CA ASN C 28 8.88 23.70 -7.16
C ASN C 28 9.26 23.28 -8.58
N GLN C 29 8.26 22.88 -9.36
CA GLN C 29 8.47 22.31 -10.68
C GLN C 29 8.41 23.38 -11.78
N SER C 30 9.04 23.05 -12.89
CA SER C 30 9.06 23.88 -14.09
C SER C 30 8.44 23.07 -15.23
N PRO C 31 7.98 23.73 -16.29
CA PRO C 31 7.98 25.18 -16.54
C PRO C 31 6.79 25.83 -15.86
N VAL C 32 6.70 27.15 -15.87
CA VAL C 32 5.59 27.88 -15.24
C VAL C 32 5.02 28.86 -16.24
N ASP C 33 3.74 29.20 -16.05
CA ASP C 33 3.13 30.35 -16.72
C ASP C 33 3.67 31.63 -16.09
N ILE C 34 4.33 32.47 -16.87
CA ILE C 34 4.81 33.76 -16.37
C ILE C 34 3.68 34.77 -16.41
N SER C 35 2.93 34.86 -15.32
CA SER C 35 1.74 35.69 -15.23
C SER C 35 1.93 36.84 -14.26
N ASP C 36 1.26 37.96 -14.53
CA ASP C 36 1.41 39.16 -13.71
C ASP C 36 1.04 38.92 -12.25
N ASN C 37 0.17 37.95 -11.98
CA ASN C 37 -0.29 37.70 -10.62
C ASN C 37 0.83 37.30 -9.66
N TYR C 38 1.89 36.66 -10.15
CA TYR C 38 2.96 36.24 -9.25
C TYR C 38 4.32 36.57 -9.85
N LYS C 39 4.44 37.79 -10.36
CA LYS C 39 5.67 38.31 -10.92
C LYS C 39 5.87 39.70 -10.32
N VAL C 40 7.09 40.01 -9.91
CA VAL C 40 7.38 41.34 -9.38
C VAL C 40 8.69 41.82 -9.96
N HIS C 41 8.85 43.14 -10.03
CA HIS C 41 10.08 43.74 -10.51
C HIS C 41 11.11 43.79 -9.40
N ALA C 42 12.39 43.77 -9.78
CA ALA C 42 13.43 43.74 -8.76
C ALA C 42 14.77 44.18 -9.33
N LYS C 43 15.61 44.74 -8.45
CA LYS C 43 16.97 45.10 -8.84
C LYS C 43 17.77 43.80 -8.90
N LEU C 44 17.97 43.30 -10.11
CA LEU C 44 18.68 42.05 -10.31
C LEU C 44 20.05 42.30 -10.93
N GLU C 45 20.99 41.44 -10.58
CA GLU C 45 22.30 41.42 -11.19
C GLU C 45 22.16 41.33 -12.72
N LYS C 46 23.04 42.04 -13.42
CA LYS C 46 23.12 41.91 -14.87
C LYS C 46 23.65 40.53 -15.25
N LEU C 47 23.09 39.95 -16.30
CA LEU C 47 23.61 38.68 -16.80
C LEU C 47 25.05 38.81 -17.26
N HIS C 48 25.91 37.90 -16.79
CA HIS C 48 27.29 37.85 -17.22
C HIS C 48 27.52 36.57 -18.01
N ILE C 49 27.72 36.72 -19.32
CA ILE C 49 27.80 35.61 -20.26
C ILE C 49 29.17 35.64 -20.93
N ASN C 50 29.90 34.53 -20.83
CA ASN C 50 31.25 34.40 -21.40
C ASN C 50 31.30 33.10 -22.22
N TYR C 51 30.78 33.15 -23.44
CA TYR C 51 30.71 31.98 -24.34
C TYR C 51 31.80 32.06 -25.40
N ASN C 52 32.48 30.94 -25.60
CA ASN C 52 33.36 30.75 -26.75
C ASN C 52 32.68 29.84 -27.77
N LYS C 53 33.35 29.69 -28.91
CA LYS C 53 32.87 28.84 -29.98
C LYS C 53 33.06 27.38 -29.62
N ALA C 54 32.07 26.57 -29.93
CA ALA C 54 32.19 25.12 -29.82
C ALA C 54 32.67 24.61 -31.17
N VAL C 55 33.78 23.89 -31.16
CA VAL C 55 34.32 23.32 -32.40
C VAL C 55 33.74 21.92 -32.57
N ASN C 56 33.08 21.69 -33.70
CA ASN C 56 32.57 20.38 -34.07
C ASN C 56 31.74 19.67 -32.99
N PRO C 57 30.67 20.30 -32.50
CA PRO C 57 29.86 19.65 -31.46
C PRO C 57 29.08 18.45 -31.99
N GLU C 58 28.82 17.51 -31.09
CA GLU C 58 27.95 16.37 -31.37
C GLU C 58 26.49 16.82 -31.28
N ILE C 59 25.66 16.32 -32.18
CA ILE C 59 24.24 16.64 -32.19
C ILE C 59 23.48 15.33 -32.01
N VAL C 60 22.63 15.27 -30.99
CA VAL C 60 21.95 14.03 -30.62
C VAL C 60 20.44 14.23 -30.70
N ASN C 61 19.76 13.32 -31.39
CA ASN C 61 18.32 13.12 -31.26
C ASN C 61 18.13 12.03 -30.20
N ASN C 62 17.71 12.42 -29.00
CA ASN C 62 17.56 11.43 -27.93
C ASN C 62 16.12 10.94 -27.80
N GLY C 63 15.29 11.18 -28.81
CA GLY C 63 13.90 10.79 -28.78
C GLY C 63 12.99 11.81 -28.16
N HIS C 64 13.51 12.76 -27.40
CA HIS C 64 12.68 13.78 -26.77
C HIS C 64 13.02 15.19 -27.19
N THR C 65 14.17 15.38 -27.80
CA THR C 65 14.61 16.70 -28.23
C THR C 65 15.82 16.47 -29.12
N ILE C 66 16.30 17.56 -29.70
CA ILE C 66 17.60 17.61 -30.35
C ILE C 66 18.53 18.37 -29.42
N LYS C 67 19.65 17.74 -29.06
CA LYS C 67 20.57 18.25 -28.05
C LYS C 67 21.93 18.48 -28.72
N VAL C 68 22.48 19.66 -28.50
CA VAL C 68 23.80 20.00 -29.01
C VAL C 68 24.74 20.05 -27.82
N SER C 69 25.78 19.22 -27.84
CA SER C 69 26.79 19.22 -26.79
C SER C 69 27.75 20.38 -26.96
N TYR C 70 28.22 20.92 -25.85
CA TYR C 70 29.08 22.08 -25.87
C TYR C 70 30.41 21.74 -25.21
N GLU C 71 31.50 22.24 -25.80
CA GLU C 71 32.81 21.91 -25.25
C GLU C 71 33.16 22.82 -24.08
N PRO C 72 33.95 22.33 -23.12
CA PRO C 72 34.15 23.07 -21.87
C PRO C 72 34.85 24.39 -22.10
N GLY C 73 34.67 25.30 -21.15
CA GLY C 73 35.29 26.60 -21.19
C GLY C 73 34.35 27.77 -21.35
N SER C 74 33.08 27.55 -21.63
CA SER C 74 32.08 28.60 -21.74
C SER C 74 31.21 28.59 -20.50
N TYR C 75 30.96 29.77 -19.95
CA TYR C 75 30.24 29.82 -18.69
C TYR C 75 29.46 31.12 -18.56
N ILE C 76 28.53 31.10 -17.62
CA ILE C 76 27.91 32.31 -17.07
C ILE C 76 28.32 32.42 -15.61
N VAL C 77 28.37 33.65 -15.12
CA VAL C 77 28.63 33.94 -13.72
C VAL C 77 27.33 34.47 -13.11
N VAL C 78 26.80 33.76 -12.13
CA VAL C 78 25.57 34.14 -11.45
C VAL C 78 25.85 34.18 -9.96
N ASP C 79 25.47 35.28 -9.31
CA ASP C 79 25.65 35.42 -7.86
C ASP C 79 27.06 35.05 -7.43
N GLY C 80 28.04 35.35 -8.29
CA GLY C 80 29.42 35.02 -8.07
C GLY C 80 29.87 33.67 -8.60
N ILE C 81 28.97 32.72 -8.80
CA ILE C 81 29.32 31.36 -9.14
C ILE C 81 29.42 31.19 -10.66
N LYS C 82 30.45 30.46 -11.11
CA LYS C 82 30.58 30.09 -12.52
C LYS C 82 29.72 28.85 -12.79
N PHE C 83 28.81 28.95 -13.74
CA PHE C 83 28.07 27.80 -14.25
C PHE C 83 28.55 27.56 -15.68
N GLU C 84 29.09 26.37 -15.94
CA GLU C 84 29.64 26.06 -17.26
C GLU C 84 28.55 25.53 -18.19
N LEU C 85 28.51 26.06 -19.41
CA LEU C 85 27.53 25.59 -20.39
C LEU C 85 27.85 24.16 -20.82
N LYS C 86 26.88 23.25 -20.70
CA LYS C 86 27.08 21.86 -21.07
C LYS C 86 26.43 21.48 -22.39
N GLN C 87 25.24 22.02 -22.68
CA GLN C 87 24.49 21.62 -23.86
C GLN C 87 23.34 22.61 -24.03
N PHE C 88 22.77 22.66 -25.24
CA PHE C 88 21.46 23.29 -25.40
C PHE C 88 20.58 22.40 -26.26
N HIS C 89 19.27 22.61 -26.15
CA HIS C 89 18.29 21.74 -26.81
C HIS C 89 16.99 22.53 -26.97
N PHE C 90 15.98 21.92 -27.59
CA PHE C 90 14.85 22.69 -28.12
C PHE C 90 13.51 22.05 -27.75
N HIS C 91 12.49 22.90 -27.60
CA HIS C 91 11.12 22.49 -27.35
C HIS C 91 10.19 23.25 -28.27
N ALA C 92 9.18 22.56 -28.81
CA ALA C 92 8.14 23.19 -29.63
C ALA C 92 6.83 22.53 -29.22
N PRO C 93 5.80 23.32 -28.83
CA PRO C 93 5.87 24.76 -28.56
C PRO C 93 6.74 25.07 -27.34
N SER C 94 6.85 26.35 -26.99
CA SER C 94 7.60 26.71 -25.80
C SER C 94 7.05 25.99 -24.57
N GLU C 95 7.93 25.75 -23.60
CA GLU C 95 7.49 25.21 -22.32
C GLU C 95 6.97 26.31 -21.41
N HIS C 96 7.72 27.40 -21.28
CA HIS C 96 7.22 28.53 -20.51
C HIS C 96 6.14 29.26 -21.30
N LYS C 97 5.17 29.78 -20.57
CA LYS C 97 4.09 30.58 -21.14
C LYS C 97 4.23 32.01 -20.65
N LEU C 98 3.84 32.95 -21.49
CA LEU C 98 3.94 34.36 -21.18
C LEU C 98 2.52 34.90 -21.10
N LYS C 99 2.05 35.17 -19.87
CA LYS C 99 0.67 35.59 -19.63
C LYS C 99 -0.32 34.64 -20.31
N GLY C 100 -0.08 33.35 -20.13
CA GLY C 100 -0.94 32.31 -20.63
C GLY C 100 -0.74 31.92 -22.09
N GLN C 101 0.19 32.56 -22.81
CA GLN C 101 0.38 32.32 -24.24
C GLN C 101 1.71 31.60 -24.53
N HIS C 102 1.66 30.60 -25.41
CA HIS C 102 2.86 29.92 -25.87
C HIS C 102 3.58 30.73 -26.93
N TYR C 103 4.91 30.63 -26.95
CA TYR C 103 5.67 30.90 -28.16
C TYR C 103 5.78 29.62 -28.98
N PRO C 104 6.07 29.72 -30.28
CA PRO C 104 6.17 28.49 -31.10
C PRO C 104 7.41 27.65 -30.81
N PHE C 105 8.39 28.15 -30.07
CA PHE C 105 9.70 27.48 -30.00
C PHE C 105 10.46 28.06 -28.81
N GLU C 106 11.25 27.21 -28.13
CA GLU C 106 12.02 27.59 -26.94
C GLU C 106 13.34 26.82 -26.94
N ALA C 107 14.45 27.50 -26.68
CA ALA C 107 15.75 26.86 -26.52
C ALA C 107 16.16 26.91 -25.05
N HIS C 108 16.80 25.84 -24.56
CA HIS C 108 17.26 25.75 -23.17
C HIS C 108 18.77 25.55 -23.18
N PHE C 109 19.49 26.43 -22.48
CA PHE C 109 20.95 26.38 -22.35
C PHE C 109 21.27 25.91 -20.94
N VAL C 110 21.76 24.68 -20.82
CA VAL C 110 21.89 24.01 -19.53
C VAL C 110 23.32 24.17 -19.04
N HIS C 111 23.47 24.68 -17.81
CA HIS C 111 24.76 24.97 -17.21
C HIS C 111 24.89 24.24 -15.88
N ALA C 112 26.12 23.93 -15.49
CA ALA C 112 26.37 23.30 -14.20
C ALA C 112 27.60 23.90 -13.56
N ASP C 113 27.53 24.18 -12.26
CA ASP C 113 28.70 24.67 -11.53
C ASP C 113 29.61 23.50 -11.19
N LYS C 114 30.71 23.77 -10.49
CA LYS C 114 31.68 22.72 -10.19
C LYS C 114 31.13 21.66 -9.24
N HIS C 115 30.05 21.95 -8.53
CA HIS C 115 29.41 20.93 -7.69
C HIS C 115 28.24 20.24 -8.39
N GLY C 116 27.93 20.60 -9.62
CA GLY C 116 26.80 20.03 -10.33
C GLY C 116 25.48 20.74 -10.16
N ASN C 117 25.44 21.87 -9.42
CA ASN C 117 24.22 22.68 -9.35
C ASN C 117 23.91 23.25 -10.72
N LEU C 118 22.61 23.34 -11.05
CA LEU C 118 22.16 23.60 -12.41
C LEU C 118 21.54 24.97 -12.57
N ALA C 119 21.79 25.58 -13.73
CA ALA C 119 21.17 26.85 -14.12
C ALA C 119 20.81 26.75 -15.59
N VAL C 120 19.60 27.15 -15.96
CA VAL C 120 19.12 27.04 -17.33
C VAL C 120 18.70 28.41 -17.82
N ILE C 121 19.18 28.78 -19.01
CA ILE C 121 18.74 29.97 -19.71
C ILE C 121 17.73 29.54 -20.77
N GLY C 122 16.54 30.10 -20.73
CA GLY C 122 15.52 29.85 -21.73
C GLY C 122 15.42 31.04 -22.68
N VAL C 123 15.35 30.74 -23.96
CA VAL C 123 15.24 31.75 -25.01
C VAL C 123 13.99 31.43 -25.84
N PHE C 124 13.10 32.41 -25.97
CA PHE C 124 11.90 32.21 -26.79
C PHE C 124 12.22 32.49 -28.26
N PHE C 125 11.51 31.80 -29.16
CA PHE C 125 11.60 32.05 -30.60
C PHE C 125 10.24 32.45 -31.15
N LYS C 126 10.20 33.49 -31.99
CA LYS C 126 9.00 33.81 -32.75
C LYS C 126 9.23 33.53 -34.23
N GLU C 127 8.15 33.26 -34.95
CA GLU C 127 8.23 33.07 -36.40
C GLU C 127 8.74 34.33 -37.07
N GLY C 128 9.60 34.15 -38.06
CA GLY C 128 10.19 35.28 -38.76
C GLY C 128 11.34 34.87 -39.65
N ARG C 129 12.46 35.59 -39.52
CA ARG C 129 13.62 35.33 -40.36
C ARG C 129 14.29 34.02 -39.96
N GLU C 130 14.55 33.18 -40.97
CA GLU C 130 15.32 31.95 -40.80
C GLU C 130 16.59 32.21 -40.01
N ASN C 131 16.71 31.55 -38.86
CA ASN C 131 17.92 31.67 -38.06
C ASN C 131 19.03 30.84 -38.69
N PRO C 132 20.20 31.43 -38.95
CA PRO C 132 21.24 30.73 -39.71
C PRO C 132 22.05 29.77 -38.86
N ILE C 133 22.16 30.05 -37.56
CA ILE C 133 22.79 29.09 -36.65
C ILE C 133 21.93 27.84 -36.52
N LEU C 134 20.62 28.03 -36.34
CA LEU C 134 19.71 26.89 -36.38
C LEU C 134 19.86 26.13 -37.70
N GLU C 135 20.12 26.87 -38.78
CA GLU C 135 20.18 26.22 -40.10
C GLU C 135 21.36 25.25 -40.20
N LYS C 136 22.50 25.60 -39.59
CA LYS C 136 23.64 24.68 -39.50
C LYS C 136 23.27 23.39 -38.78
N ILE C 137 22.53 23.48 -37.67
CA ILE C 137 22.18 22.28 -36.93
C ILE C 137 21.11 21.49 -37.67
N TRP C 138 20.08 22.18 -38.18
CA TRP C 138 18.97 21.54 -38.89
C TRP C 138 19.43 20.76 -40.09
N LYS C 139 20.48 21.24 -40.77
CA LYS C 139 20.94 20.60 -41.99
C LYS C 139 21.34 19.16 -41.74
N VAL C 140 21.83 18.83 -40.54
CA VAL C 140 22.44 17.53 -40.28
C VAL C 140 21.76 16.76 -39.15
N MET C 141 20.78 17.36 -38.48
CA MET C 141 20.25 16.75 -37.25
C MET C 141 19.66 15.37 -37.52
N PRO C 142 19.94 14.39 -36.67
CA PRO C 142 19.42 13.03 -36.88
C PRO C 142 17.91 12.99 -36.82
N GLU C 143 17.31 12.24 -37.73
CA GLU C 143 15.85 12.18 -37.79
C GLU C 143 15.26 11.10 -36.90
N ASN C 144 16.06 10.17 -36.38
CA ASN C 144 15.58 9.08 -35.56
C ASN C 144 16.17 9.12 -34.16
N ALA C 145 15.38 8.67 -33.19
CA ALA C 145 15.81 8.58 -31.80
C ALA C 145 17.06 7.71 -31.66
N GLY C 146 17.91 8.08 -30.70
CA GLY C 146 19.12 7.33 -30.45
C GLY C 146 20.22 7.54 -31.45
N GLU C 147 20.21 8.65 -32.20
CA GLU C 147 21.20 8.88 -33.24
C GLU C 147 21.99 10.15 -32.95
N GLU C 148 23.26 10.13 -33.38
CA GLU C 148 24.23 11.16 -33.06
C GLU C 148 25.03 11.42 -34.33
N VAL C 149 25.28 12.70 -34.62
CA VAL C 149 26.18 13.09 -35.68
C VAL C 149 27.08 14.18 -35.11
N LYS C 150 28.22 14.35 -35.76
CA LYS C 150 29.14 15.42 -35.42
C LYS C 150 28.94 16.55 -36.42
N LEU C 151 28.71 17.75 -35.92
CA LEU C 151 28.68 18.92 -36.77
C LEU C 151 30.10 19.22 -37.24
N ALA C 152 30.28 19.37 -38.55
CA ALA C 152 31.58 19.75 -39.09
C ALA C 152 31.74 21.26 -39.18
N HIS C 153 31.29 22.00 -38.18
CA HIS C 153 31.33 23.46 -38.19
C HIS C 153 31.51 23.97 -36.77
N LYS C 154 32.17 25.11 -36.65
CA LYS C 154 32.18 25.85 -35.40
C LYS C 154 30.81 26.48 -35.17
N ILE C 155 30.46 26.68 -33.90
CA ILE C 155 29.18 27.32 -33.57
C ILE C 155 29.34 28.02 -32.22
N ASN C 156 28.76 29.21 -32.12
CA ASN C 156 28.76 29.96 -30.86
C ASN C 156 27.33 30.19 -30.38
N ALA C 157 27.02 29.62 -29.20
CA ALA C 157 25.70 29.71 -28.58
C ALA C 157 25.25 31.14 -28.31
N GLU C 158 26.20 32.07 -28.12
CA GLU C 158 25.89 33.49 -28.06
C GLU C 158 24.97 33.93 -29.21
N ASP C 159 25.19 33.38 -30.41
CA ASP C 159 24.39 33.71 -31.59
C ASP C 159 22.95 33.24 -31.48
N LEU C 160 22.61 32.43 -30.48
CA LEU C 160 21.23 32.07 -30.20
C LEU C 160 20.67 32.87 -29.01
N LEU C 161 21.32 33.96 -28.62
CA LEU C 161 20.77 34.80 -27.56
C LEU C 161 20.38 36.16 -28.11
N PRO C 162 19.33 36.79 -27.58
CA PRO C 162 19.02 38.17 -27.96
C PRO C 162 20.09 39.13 -27.47
N LYS C 163 20.18 40.28 -28.15
CA LYS C 163 21.12 41.29 -27.70
C LYS C 163 20.64 41.97 -26.43
N ASP C 164 19.34 42.11 -26.27
CA ASP C 164 18.73 42.60 -25.03
C ASP C 164 18.62 41.45 -24.03
N ARG C 165 19.19 41.63 -22.83
CA ARG C 165 19.29 40.55 -21.87
C ARG C 165 18.51 40.81 -20.57
N ASP C 166 17.40 41.53 -20.65
CA ASP C 166 16.44 41.54 -19.55
C ASP C 166 15.88 40.14 -19.36
N TYR C 167 15.52 39.81 -18.11
CA TYR C 167 15.17 38.42 -17.87
C TYR C 167 14.18 38.26 -16.74
N TYR C 168 13.54 37.09 -16.72
CA TYR C 168 12.80 36.59 -15.59
C TYR C 168 13.65 35.55 -14.87
N ARG C 169 13.52 35.48 -13.55
CA ARG C 169 14.30 34.56 -12.73
C ARG C 169 13.37 33.89 -11.75
N TYR C 170 13.47 32.56 -11.63
CA TYR C 170 12.74 31.87 -10.59
C TYR C 170 13.45 30.56 -10.27
N SER C 171 13.02 29.94 -9.18
CA SER C 171 13.57 28.68 -8.70
C SER C 171 12.64 27.55 -9.12
N GLY C 172 13.15 26.61 -9.92
CA GLY C 172 12.34 25.51 -10.44
C GLY C 172 13.11 24.23 -10.60
N SER C 173 12.85 23.54 -11.71
CA SER C 173 13.32 22.17 -11.90
C SER C 173 13.69 21.93 -13.36
N LEU C 174 14.32 20.78 -13.60
CA LEU C 174 14.33 20.22 -14.95
C LEU C 174 12.89 19.95 -15.38
N THR C 175 12.61 20.14 -16.68
CA THR C 175 11.27 19.93 -17.21
C THR C 175 11.08 18.56 -17.82
N THR C 176 12.09 17.71 -17.76
CA THR C 176 11.97 16.32 -18.15
C THR C 176 12.45 15.48 -16.98
N PRO C 177 12.00 14.22 -16.87
CA PRO C 177 12.49 13.33 -15.79
C PRO C 177 14.00 13.30 -15.78
N PRO C 178 14.63 13.25 -14.59
CA PRO C 178 14.02 13.11 -13.27
C PRO C 178 13.41 14.38 -12.62
N CYS C 179 13.39 15.53 -13.32
CA CYS C 179 12.74 16.75 -12.83
C CYS C 179 13.40 17.32 -11.58
N THR C 180 14.72 17.16 -11.43
CA THR C 180 15.41 17.63 -10.24
C THR C 180 15.10 19.10 -9.99
N GLU C 181 14.83 19.44 -8.73
CA GLU C 181 14.59 20.83 -8.34
C GLU C 181 15.90 21.50 -7.94
N GLY C 182 15.82 22.70 -7.35
CA GLY C 182 17.01 23.49 -7.11
C GLY C 182 17.67 24.01 -8.36
N VAL C 183 16.90 24.15 -9.44
CA VAL C 183 17.40 24.62 -10.73
C VAL C 183 17.14 26.13 -10.81
N LEU C 184 18.20 26.89 -11.10
CA LEU C 184 18.05 28.32 -11.35
C LEU C 184 17.58 28.56 -12.79
N TRP C 185 16.39 29.14 -12.96
CA TRP C 185 15.86 29.42 -14.28
C TRP C 185 16.03 30.89 -14.61
N ILE C 186 16.61 31.18 -15.77
CA ILE C 186 16.73 32.54 -16.30
C ILE C 186 16.06 32.52 -17.65
N VAL C 187 14.92 33.19 -17.77
CA VAL C 187 14.18 33.25 -19.02
C VAL C 187 14.33 34.65 -19.60
N LEU C 188 14.93 34.75 -20.78
CA LEU C 188 15.14 36.04 -21.42
C LEU C 188 13.84 36.59 -21.98
N LYS C 189 13.61 37.89 -21.75
CA LYS C 189 12.34 38.52 -22.16
C LYS C 189 12.25 38.62 -23.68
N GLN C 190 13.33 39.01 -24.33
CA GLN C 190 13.30 39.33 -25.76
C GLN C 190 13.42 38.05 -26.60
N PRO C 191 12.41 37.71 -27.39
CA PRO C 191 12.53 36.54 -28.28
C PRO C 191 13.49 36.80 -29.42
N ILE C 192 14.03 35.73 -29.98
CA ILE C 192 14.73 35.85 -31.25
C ILE C 192 13.86 35.15 -32.30
N THR C 193 14.36 35.04 -33.53
CA THR C 193 13.53 34.60 -34.63
C THR C 193 14.03 33.29 -35.25
N ALA C 194 13.08 32.46 -35.67
CA ALA C 194 13.32 31.35 -36.57
C ALA C 194 12.21 31.32 -37.62
N SER C 195 12.51 30.72 -38.76
CA SER C 195 11.51 30.64 -39.82
C SER C 195 10.46 29.61 -39.47
N LYS C 196 9.26 29.81 -40.03
CA LYS C 196 8.19 28.81 -39.91
C LYS C 196 8.68 27.43 -40.39
N GLN C 197 9.46 27.41 -41.47
CA GLN C 197 9.97 26.15 -42.00
C GLN C 197 10.90 25.45 -41.02
N GLN C 198 11.80 26.19 -40.37
CA GLN C 198 12.68 25.59 -39.37
C GLN C 198 11.88 25.03 -38.21
N ILE C 199 10.88 25.77 -37.74
CA ILE C 199 10.04 25.27 -36.65
C ILE C 199 9.28 24.04 -37.09
N GLU C 200 8.78 24.04 -38.33
CA GLU C 200 7.97 22.92 -38.81
C GLU C 200 8.81 21.67 -38.98
N LEU C 201 10.05 21.82 -39.48
CA LEU C 201 10.93 20.67 -39.60
C LEU C 201 11.21 20.06 -38.23
N PHE C 202 11.48 20.89 -37.22
CA PHE C 202 11.69 20.33 -35.88
C PHE C 202 10.48 19.53 -35.42
N LYS C 203 9.26 20.06 -35.60
CA LYS C 203 8.08 19.37 -35.10
C LYS C 203 7.86 18.03 -35.78
N SER C 204 8.07 17.95 -37.10
CA SER C 204 7.82 16.68 -37.78
C SER C 204 8.88 15.63 -37.43
N ILE C 205 10.12 16.05 -37.15
CA ILE C 205 11.10 15.10 -36.66
C ILE C 205 10.75 14.62 -35.26
N MET C 206 10.34 15.55 -34.39
CA MET C 206 9.87 15.16 -33.05
C MET C 206 8.59 14.33 -33.13
N LYS C 207 7.75 14.57 -34.16
CA LYS C 207 6.51 13.84 -34.42
C LYS C 207 5.37 14.17 -33.45
N HIS C 208 5.68 14.75 -32.30
CA HIS C 208 4.69 15.21 -31.34
C HIS C 208 5.24 16.43 -30.63
N ASN C 209 4.37 17.18 -29.97
CA ASN C 209 4.82 18.26 -29.10
C ASN C 209 5.74 17.70 -28.03
N ASN C 210 6.80 18.45 -27.68
CA ASN C 210 7.72 17.97 -26.67
C ASN C 210 7.90 19.00 -25.56
N ASN C 211 6.80 19.61 -25.15
CA ASN C 211 6.77 20.57 -24.05
C ASN C 211 5.98 19.99 -22.87
N ARG C 212 6.58 20.04 -21.68
CA ARG C 212 5.83 19.68 -20.49
C ARG C 212 4.79 20.75 -20.16
N PRO C 213 3.58 20.37 -19.78
CA PRO C 213 2.59 21.36 -19.34
C PRO C 213 3.11 22.21 -18.18
N THR C 214 2.64 23.47 -18.12
CA THR C 214 3.07 24.35 -17.04
C THR C 214 2.58 23.81 -15.70
N GLN C 215 3.33 24.12 -14.66
CA GLN C 215 3.17 23.54 -13.35
C GLN C 215 2.70 24.59 -12.36
N PRO C 216 2.08 24.18 -11.25
CA PRO C 216 1.60 25.17 -10.26
C PRO C 216 2.77 25.96 -9.65
N ILE C 217 2.56 27.28 -9.56
CA ILE C 217 3.61 28.16 -9.05
C ILE C 217 3.79 27.97 -7.55
N ASN C 218 2.73 27.57 -6.85
CA ASN C 218 2.74 27.25 -5.41
C ASN C 218 3.15 28.50 -4.63
N SER C 219 4.16 28.42 -3.76
CA SER C 219 4.55 29.56 -2.93
C SER C 219 5.69 30.38 -3.53
N ARG C 220 5.97 30.23 -4.83
CA ARG C 220 7.05 30.96 -5.47
C ARG C 220 6.54 32.28 -6.07
N TYR C 221 7.47 33.22 -6.22
CA TYR C 221 7.29 34.40 -7.08
C TYR C 221 8.33 34.37 -8.20
N ILE C 222 7.99 34.98 -9.34
CA ILE C 222 8.89 35.14 -10.48
C ILE C 222 9.43 36.57 -10.43
N LEU C 223 10.73 36.73 -10.64
CA LEU C 223 11.37 38.03 -10.55
C LEU C 223 11.69 38.55 -11.94
N GLU C 224 11.47 39.85 -12.15
CA GLU C 224 11.68 40.48 -13.45
C GLU C 224 12.72 41.58 -13.28
N SER C 225 13.82 41.47 -14.03
CA SER C 225 14.90 42.43 -13.91
C SER C 225 14.51 43.81 -14.45
N ASN C 226 15.37 44.80 -14.22
N HIS D 1 13.06 6.02 14.29
CA HIS D 1 11.83 6.19 15.04
C HIS D 1 11.58 7.68 15.39
N HIS D 2 11.81 8.05 16.65
CA HIS D 2 11.69 9.45 17.07
C HIS D 2 12.77 10.31 16.43
N TRP D 3 12.45 11.59 16.23
CA TRP D 3 13.44 12.57 15.79
C TRP D 3 13.81 13.50 16.93
N SER D 4 15.01 14.07 16.86
CA SER D 4 15.42 15.09 17.81
C SER D 4 16.28 16.11 17.08
N TYR D 5 16.83 17.05 17.84
CA TYR D 5 17.71 18.07 17.30
C TYR D 5 19.18 17.73 17.46
N GLU D 6 19.51 16.55 18.02
CA GLU D 6 20.88 16.19 18.33
C GLU D 6 21.14 14.72 18.04
N GLY D 7 22.32 14.42 17.49
CA GLY D 7 22.83 13.07 17.46
C GLY D 7 22.28 12.14 16.39
N GLU D 8 22.13 10.87 16.76
CA GLU D 8 21.76 9.82 15.81
C GLU D 8 20.51 10.19 15.02
N ASN D 9 19.48 10.70 15.70
CA ASN D 9 18.23 11.06 15.04
C ASN D 9 18.07 12.58 14.90
N GLY D 10 19.19 13.31 14.86
CA GLY D 10 19.18 14.74 14.64
C GLY D 10 19.02 15.12 13.19
N PRO D 11 19.10 16.43 12.91
CA PRO D 11 18.63 16.94 11.60
C PRO D 11 19.32 16.35 10.37
N GLU D 12 20.62 16.06 10.44
CA GLU D 12 21.30 15.48 9.29
C GLU D 12 20.74 14.13 8.91
N ASN D 13 20.13 13.40 9.86
CA ASN D 13 19.66 12.04 9.62
C ASN D 13 18.14 11.92 9.55
N TRP D 14 17.41 13.03 9.57
CA TRP D 14 15.94 12.96 9.62
C TRP D 14 15.36 12.15 8.47
N ALA D 15 15.90 12.32 7.25
CA ALA D 15 15.34 11.60 6.09
C ALA D 15 15.51 10.09 6.21
N LYS D 16 16.54 9.64 6.93
CA LYS D 16 16.70 8.20 7.17
C LYS D 16 15.69 7.61 8.16
N LEU D 17 14.99 8.45 8.93
CA LEU D 17 14.15 7.92 10.01
C LEU D 17 12.83 7.36 9.53
N ASN D 18 12.32 7.83 8.40
CA ASN D 18 10.96 7.51 8.00
C ASN D 18 10.83 7.88 6.52
N PRO D 19 10.32 6.98 5.67
CA PRO D 19 10.09 7.32 4.26
C PRO D 19 9.32 8.61 4.04
N GLU D 20 8.38 8.93 4.93
CA GLU D 20 7.63 10.18 4.81
C GLU D 20 8.51 11.41 4.98
N TYR D 21 9.71 11.26 5.53
CA TYR D 21 10.58 12.41 5.76
C TYR D 21 11.56 12.66 4.60
N PHE D 22 11.25 12.17 3.40
CA PHE D 22 12.18 12.34 2.27
C PHE D 22 12.41 13.81 1.93
N TRP D 23 11.41 14.67 2.20
CA TRP D 23 11.52 16.09 1.92
C TRP D 23 12.73 16.72 2.58
N CYS D 24 13.17 16.19 3.72
CA CYS D 24 14.16 16.89 4.53
C CYS D 24 15.52 17.00 3.83
N ASN D 25 15.75 16.25 2.76
CA ASN D 25 17.02 16.28 2.02
C ASN D 25 16.94 17.04 0.70
N LEU D 26 15.82 17.69 0.40
CA LEU D 26 15.65 18.25 -0.95
C LEU D 26 16.20 19.69 -0.97
N LYS D 27 15.72 20.52 -1.91
CA LYS D 27 16.42 21.73 -2.34
C LYS D 27 15.74 23.03 -1.95
N ASN D 28 14.58 22.99 -1.29
CA ASN D 28 13.86 24.20 -0.94
C ASN D 28 13.46 24.14 0.53
N GLN D 29 14.44 23.84 1.39
CA GLN D 29 14.23 23.62 2.81
C GLN D 29 14.35 24.92 3.61
N SER D 30 13.77 24.91 4.80
CA SER D 30 13.82 26.01 5.74
C SER D 30 14.39 25.51 7.06
N PRO D 31 14.92 26.42 7.91
CA PRO D 31 15.04 27.86 7.74
C PRO D 31 16.25 28.23 6.88
N VAL D 32 16.40 29.50 6.54
CA VAL D 32 17.53 29.95 5.76
C VAL D 32 18.17 31.13 6.48
N ASP D 33 19.42 31.39 6.12
CA ASP D 33 20.13 32.60 6.54
C ASP D 33 19.66 33.74 5.65
N ILE D 34 19.04 34.77 6.24
CA ILE D 34 18.59 35.90 5.44
C ILE D 34 19.79 36.82 5.19
N SER D 35 20.45 36.63 4.05
CA SER D 35 21.71 37.30 3.72
C SER D 35 21.55 38.28 2.55
N ASP D 36 22.44 39.28 2.52
CA ASP D 36 22.39 40.33 1.51
C ASP D 36 22.58 39.79 0.10
N ASN D 37 23.34 38.70 -0.05
CA ASN D 37 23.70 38.18 -1.36
C ASN D 37 22.51 37.61 -2.13
N TYR D 38 21.47 37.13 -1.45
CA TYR D 38 20.31 36.60 -2.18
C TYR D 38 19.01 37.14 -1.60
N LYS D 39 18.99 38.45 -1.40
CA LYS D 39 17.84 39.16 -0.91
C LYS D 39 17.64 40.38 -1.81
N VAL D 40 16.40 40.64 -2.22
CA VAL D 40 16.13 41.76 -3.11
C VAL D 40 14.86 42.45 -2.67
N HIS D 41 14.81 43.77 -2.84
CA HIS D 41 13.58 44.50 -2.58
C HIS D 41 12.60 44.27 -3.73
N ALA D 42 11.30 44.36 -3.42
CA ALA D 42 10.26 44.11 -4.40
C ALA D 42 8.96 44.74 -3.91
N LYS D 43 8.10 45.11 -4.87
CA LYS D 43 6.77 45.59 -4.54
C LYS D 43 5.93 44.37 -4.18
N LEU D 44 5.67 44.20 -2.90
CA LEU D 44 4.87 43.11 -2.38
C LEU D 44 3.61 43.67 -1.76
N GLU D 45 2.54 42.89 -1.81
CA GLU D 45 1.29 43.32 -1.19
C GLU D 45 1.45 43.39 0.32
N LYS D 46 0.70 44.31 0.94
CA LYS D 46 0.61 44.41 2.39
C LYS D 46 0.06 43.13 2.99
N LEU D 47 0.56 42.74 4.16
CA LEU D 47 -0.02 41.62 4.88
C LEU D 47 -1.44 41.93 5.30
N HIS D 48 -2.35 40.97 5.09
CA HIS D 48 -3.75 41.09 5.50
C HIS D 48 -3.99 40.08 6.62
N ILE D 49 -3.98 40.56 7.87
CA ILE D 49 -4.01 39.72 9.05
C ILE D 49 -5.33 40.00 9.79
N ASN D 50 -6.18 38.97 9.91
CA ASN D 50 -7.50 39.08 10.55
C ASN D 50 -7.61 38.04 11.68
N TYR D 51 -7.00 38.36 12.83
CA TYR D 51 -6.96 37.47 13.99
C TYR D 51 -7.98 37.89 15.04
N ASN D 52 -8.84 36.96 15.43
CA ASN D 52 -9.70 37.14 16.59
C ASN D 52 -9.06 36.51 17.82
N LYS D 53 -9.66 36.75 18.98
CA LYS D 53 -9.21 36.11 20.21
C LYS D 53 -9.36 34.59 20.11
N ALA D 54 -8.43 33.87 20.71
CA ALA D 54 -8.57 32.44 20.98
C ALA D 54 -8.94 32.27 22.45
N VAL D 55 -10.05 31.58 22.70
CA VAL D 55 -10.56 31.44 24.07
C VAL D 55 -10.00 30.14 24.66
N ASN D 56 -9.28 30.25 25.77
CA ASN D 56 -8.76 29.10 26.50
C ASN D 56 -8.08 28.04 25.62
N PRO D 57 -7.09 28.43 24.81
CA PRO D 57 -6.42 27.44 23.95
C PRO D 57 -5.67 26.37 24.73
N GLU D 58 -5.44 25.23 24.07
CA GLU D 58 -4.59 24.17 24.59
C GLU D 58 -3.11 24.51 24.39
N ILE D 59 -2.31 24.19 25.40
CA ILE D 59 -0.87 24.38 25.34
C ILE D 59 -0.21 23.02 25.52
N VAL D 60 0.61 22.61 24.56
CA VAL D 60 1.20 21.29 24.52
C VAL D 60 2.72 21.43 24.56
N ASN D 61 3.36 20.64 25.42
CA ASN D 61 4.79 20.39 25.31
C ASN D 61 4.92 19.03 24.63
N ASN D 62 5.27 19.01 23.35
CA ASN D 62 5.40 17.75 22.63
C ASN D 62 6.84 17.24 22.59
N GLY D 63 7.71 17.72 23.48
CA GLY D 63 9.11 17.35 23.48
C GLY D 63 9.98 18.11 22.51
N HIS D 64 9.39 18.74 21.50
CA HIS D 64 10.15 19.49 20.51
C HIS D 64 9.99 21.00 20.62
N THR D 65 8.88 21.46 21.21
CA THR D 65 8.53 22.87 21.31
C THR D 65 7.35 22.96 22.27
N ILE D 66 6.99 24.19 22.62
CA ILE D 66 5.72 24.51 23.26
C ILE D 66 4.81 25.03 22.17
N LYS D 67 3.65 24.40 22.01
CA LYS D 67 2.70 24.70 20.94
C LYS D 67 1.37 25.14 21.54
N VAL D 68 0.83 26.24 21.01
CA VAL D 68 -0.47 26.79 21.42
C VAL D 68 -1.44 26.57 20.26
N SER D 69 -2.48 25.77 20.49
CA SER D 69 -3.47 25.55 19.44
C SER D 69 -4.45 26.73 19.42
N TYR D 70 -4.89 27.11 18.23
CA TYR D 70 -5.72 28.31 18.06
C TYR D 70 -7.13 27.92 17.64
N GLU D 71 -8.13 28.65 18.16
CA GLU D 71 -9.47 28.26 17.75
C GLU D 71 -9.79 28.76 16.34
N PRO D 72 -10.64 28.05 15.61
CA PRO D 72 -10.91 28.41 14.19
C PRO D 72 -11.51 29.80 14.00
N GLY D 73 -11.33 30.33 12.79
CA GLY D 73 -11.90 31.61 12.41
C GLY D 73 -10.92 32.77 12.29
N SER D 74 -9.63 32.55 12.53
CA SER D 74 -8.63 33.58 12.34
C SER D 74 -7.79 33.24 11.13
N TYR D 75 -7.47 34.22 10.30
CA TYR D 75 -6.78 33.88 9.07
C TYR D 75 -5.95 35.05 8.58
N ILE D 76 -5.04 34.72 7.67
CA ILE D 76 -4.40 35.70 6.81
C ILE D 76 -4.91 35.46 5.40
N VAL D 77 -4.85 36.51 4.58
CA VAL D 77 -5.17 36.42 3.16
C VAL D 77 -3.93 36.83 2.40
N VAL D 78 -3.40 35.92 1.60
CA VAL D 78 -2.22 36.24 0.81
C VAL D 78 -2.42 35.62 -0.57
N ASP D 79 -2.12 36.40 -1.60
CA ASP D 79 -2.39 36.03 -2.99
C ASP D 79 -3.85 35.60 -3.16
N GLY D 80 -4.74 36.24 -2.40
CA GLY D 80 -6.16 36.01 -2.49
C GLY D 80 -6.69 34.74 -1.85
N ILE D 81 -5.87 34.00 -1.10
CA ILE D 81 -6.26 32.75 -0.46
C ILE D 81 -6.31 32.93 1.06
N LYS D 82 -7.37 32.43 1.69
CA LYS D 82 -7.47 32.43 3.15
C LYS D 82 -6.63 31.30 3.71
N PHE D 83 -5.64 31.63 4.54
CA PHE D 83 -4.91 30.64 5.32
C PHE D 83 -5.34 30.80 6.78
N GLU D 84 -5.93 29.76 7.35
CA GLU D 84 -6.46 29.83 8.70
C GLU D 84 -5.35 29.51 9.70
N LEU D 85 -5.22 30.34 10.73
CA LEU D 85 -4.25 30.09 11.79
C LEU D 85 -4.62 28.83 12.57
N LYS D 86 -3.71 27.85 12.59
CA LYS D 86 -3.93 26.61 13.32
C LYS D 86 -3.26 26.60 14.69
N GLN D 87 -2.05 27.12 14.81
CA GLN D 87 -1.26 27.00 16.03
C GLN D 87 -0.08 27.94 15.89
N PHE D 88 0.53 28.31 17.01
CA PHE D 88 1.86 28.89 16.97
C PHE D 88 2.73 28.17 17.99
N HIS D 89 4.05 28.26 17.81
CA HIS D 89 5.02 27.60 18.68
C HIS D 89 6.32 28.38 18.57
N PHE D 90 7.35 27.90 19.26
CA PHE D 90 8.53 28.72 19.56
C PHE D 90 9.82 27.92 19.37
N HIS D 91 10.88 28.64 18.99
CA HIS D 91 12.21 28.09 18.89
C HIS D 91 13.19 29.03 19.55
N ALA D 92 14.16 28.45 20.25
CA ALA D 92 15.30 29.14 20.85
C ALA D 92 16.55 28.32 20.58
N PRO D 93 17.59 28.90 19.97
CA PRO D 93 17.58 30.25 19.40
C PRO D 93 16.71 30.32 18.18
N SER D 94 16.64 31.47 17.53
CA SER D 94 15.81 31.55 16.32
C SER D 94 16.27 30.55 15.27
N GLU D 95 15.33 30.18 14.40
CA GLU D 95 15.66 29.29 13.30
C GLU D 95 16.25 30.06 12.12
N HIS D 96 15.57 31.11 11.68
CA HIS D 96 16.17 31.97 10.67
C HIS D 96 17.28 32.81 11.29
N LYS D 97 18.28 33.13 10.47
CA LYS D 97 19.34 34.04 10.85
C LYS D 97 19.22 35.32 10.03
N LEU D 98 19.69 36.41 10.59
CA LEU D 98 19.86 37.64 9.83
C LEU D 98 21.37 37.89 9.71
N LYS D 99 21.89 37.77 8.48
CA LYS D 99 23.29 38.03 8.20
C LYS D 99 24.19 37.17 9.08
N GLY D 100 23.81 35.91 9.24
CA GLY D 100 24.53 34.96 10.05
C GLY D 100 24.28 35.04 11.55
N GLN D 101 23.42 35.96 12.00
CA GLN D 101 23.12 36.16 13.42
C GLN D 101 21.83 35.48 13.82
N HIS D 102 21.83 34.78 14.95
CA HIS D 102 20.61 34.30 15.58
C HIS D 102 19.97 35.39 16.42
N TYR D 103 18.64 35.42 16.44
CA TYR D 103 17.96 36.06 17.55
C TYR D 103 17.77 35.05 18.67
N PRO D 104 17.54 35.48 19.91
CA PRO D 104 17.43 34.50 20.99
C PRO D 104 16.15 33.66 20.93
N PHE D 105 15.18 34.05 20.12
CA PHE D 105 13.84 33.51 20.23
C PHE D 105 13.08 33.80 18.94
N GLU D 106 12.25 32.85 18.51
CA GLU D 106 11.46 32.99 17.29
C GLU D 106 10.12 32.28 17.49
N ALA D 107 9.03 32.93 17.07
CA ALA D 107 7.69 32.34 17.05
C ALA D 107 7.26 32.07 15.61
N HIS D 108 6.64 30.90 15.40
CA HIS D 108 6.06 30.52 14.10
C HIS D 108 4.55 30.41 14.21
N PHE D 109 3.84 31.11 13.33
CA PHE D 109 2.38 31.06 13.28
C PHE D 109 2.01 30.24 12.05
N VAL D 110 1.47 29.05 12.26
CA VAL D 110 1.27 28.08 11.20
C VAL D 110 -0.19 28.13 10.74
N HIS D 111 -0.38 28.35 9.44
CA HIS D 111 -1.68 28.54 8.82
C HIS D 111 -1.85 27.53 7.71
N ALA D 112 -3.10 27.20 7.41
CA ALA D 112 -3.36 26.25 6.35
C ALA D 112 -4.63 26.68 5.63
N ASP D 113 -4.63 26.60 4.31
CA ASP D 113 -5.85 26.88 3.57
C ASP D 113 -6.76 25.65 3.58
N LYS D 114 -7.89 25.73 2.87
CA LYS D 114 -8.90 24.67 2.95
C LYS D 114 -8.42 23.35 2.36
N HIS D 115 -7.34 23.35 1.60
CA HIS D 115 -6.77 22.14 1.04
C HIS D 115 -5.53 21.66 1.77
N GLY D 116 -5.13 22.32 2.85
CA GLY D 116 -3.95 21.93 3.60
C GLY D 116 -2.65 22.63 3.22
N ASN D 117 -2.65 23.49 2.20
CA ASN D 117 -1.47 24.28 1.88
C ASN D 117 -1.09 25.16 3.05
N LEU D 118 0.21 25.35 3.26
CA LEU D 118 0.71 25.93 4.49
C LEU D 118 1.36 27.28 4.22
N ALA D 119 1.12 28.21 5.14
CA ALA D 119 1.83 29.48 5.20
C ALA D 119 2.25 29.72 6.64
N VAL D 120 3.51 30.08 6.86
CA VAL D 120 4.02 30.30 8.22
C VAL D 120 4.51 31.73 8.34
N ILE D 121 4.05 32.43 9.37
CA ILE D 121 4.61 33.74 9.74
C ILE D 121 5.62 33.53 10.85
N GLY D 122 6.83 34.03 10.63
CA GLY D 122 7.89 34.03 11.63
C GLY D 122 8.07 35.41 12.23
N VAL D 123 8.23 35.46 13.55
CA VAL D 123 8.46 36.69 14.30
C VAL D 123 9.69 36.48 15.17
N PHE D 124 10.64 37.41 15.09
CA PHE D 124 11.84 37.40 15.92
C PHE D 124 11.58 38.10 17.25
N PHE D 125 12.24 37.60 18.30
CA PHE D 125 12.24 38.27 19.59
C PHE D 125 13.67 38.61 19.99
N LYS D 126 13.89 39.85 20.43
CA LYS D 126 15.12 40.13 21.16
C LYS D 126 14.82 40.24 22.65
N GLU D 127 15.87 40.16 23.44
CA GLU D 127 15.74 40.31 24.88
C GLU D 127 15.43 41.77 25.20
N GLY D 128 14.39 41.97 26.03
CA GLY D 128 13.94 43.31 26.37
C GLY D 128 12.81 43.29 27.38
N ARG D 129 11.79 44.13 27.17
CA ARG D 129 10.61 44.12 28.03
C ARG D 129 9.82 42.82 27.85
N GLU D 130 9.18 42.40 28.93
CA GLU D 130 8.36 41.20 28.94
C GLU D 130 7.20 41.34 27.94
N ASN D 131 6.88 40.25 27.28
CA ASN D 131 5.70 40.22 26.42
C ASN D 131 4.51 39.71 27.22
N PRO D 132 3.38 40.44 27.23
CA PRO D 132 2.25 40.07 28.11
C PRO D 132 1.51 38.82 27.68
N ILE D 133 1.45 38.53 26.38
CA ILE D 133 0.88 37.27 25.94
C ILE D 133 1.75 36.11 26.38
N LEU D 134 3.07 36.23 26.16
CA LEU D 134 3.98 35.17 26.59
C LEU D 134 3.83 34.93 28.09
N GLU D 135 3.56 35.98 28.86
CA GLU D 135 3.44 35.83 30.31
C GLU D 135 2.31 34.87 30.66
N LYS D 136 1.15 35.01 30.01
CA LYS D 136 0.03 34.12 30.28
C LYS D 136 0.38 32.67 29.97
N ILE D 137 0.97 32.44 28.81
CA ILE D 137 1.33 31.09 28.40
C ILE D 137 2.42 30.52 29.30
N TRP D 138 3.47 31.31 29.53
CA TRP D 138 4.61 30.85 30.33
C TRP D 138 4.17 30.47 31.74
N LYS D 139 3.11 31.10 32.22
CA LYS D 139 2.69 30.88 33.60
C LYS D 139 2.22 29.44 33.82
N VAL D 140 1.67 28.79 32.80
CA VAL D 140 1.08 27.46 32.96
C VAL D 140 1.66 26.43 32.00
N MET D 141 2.57 26.81 31.11
CA MET D 141 3.37 25.98 30.20
C MET D 141 3.77 24.63 30.79
N PRO D 142 3.44 23.50 30.15
CA PRO D 142 3.85 22.21 30.72
C PRO D 142 5.37 22.05 30.67
N GLU D 143 5.94 21.58 31.77
CA GLU D 143 7.39 21.53 31.89
C GLU D 143 8.00 20.25 31.33
N ASN D 144 7.20 19.23 31.06
CA ASN D 144 7.72 17.95 30.60
C ASN D 144 7.04 17.55 29.30
N ALA D 145 7.77 16.81 28.47
CA ALA D 145 7.27 16.33 27.19
C ALA D 145 6.04 15.45 27.37
N GLY D 146 5.17 15.47 26.36
CA GLY D 146 3.96 14.69 26.40
C GLY D 146 2.86 15.25 27.30
N GLU D 147 2.93 16.51 27.69
CA GLU D 147 1.94 17.07 28.60
C GLU D 147 1.18 18.22 27.92
N GLU D 148 -0.10 18.35 28.30
CA GLU D 148 -0.96 19.41 27.81
C GLU D 148 -1.73 20.02 28.99
N VAL D 149 -2.02 21.31 28.86
CA VAL D 149 -2.84 22.05 29.81
C VAL D 149 -3.69 23.03 29.01
N LYS D 150 -4.85 23.39 29.56
CA LYS D 150 -5.73 24.38 28.96
C LYS D 150 -5.41 25.74 29.57
N LEU D 151 -5.14 26.72 28.73
CA LEU D 151 -5.02 28.08 29.21
C LEU D 151 -6.39 28.53 29.71
N ALA D 152 -6.44 29.19 30.86
CA ALA D 152 -7.68 29.77 31.36
C ALA D 152 -7.77 31.28 31.07
N HIS D 153 -7.53 31.67 29.82
CA HIS D 153 -7.53 33.09 29.45
C HIS D 153 -7.82 33.17 27.96
N LYS D 154 -8.27 34.33 27.52
CA LYS D 154 -8.28 34.66 26.11
C LYS D 154 -6.95 35.29 25.72
N ILE D 155 -6.51 35.02 24.50
CA ILE D 155 -5.33 35.67 23.95
C ILE D 155 -5.59 35.97 22.49
N ASN D 156 -4.95 37.01 21.98
CA ASN D 156 -5.01 37.34 20.56
C ASN D 156 -3.58 37.30 20.01
N ALA D 157 -3.37 36.47 18.99
CA ALA D 157 -2.05 36.37 18.36
C ALA D 157 -1.56 37.69 17.77
N GLU D 158 -2.44 38.65 17.49
CA GLU D 158 -1.96 39.94 17.00
C GLU D 158 -1.02 40.61 18.00
N ASP D 159 -1.12 40.28 19.29
CA ASP D 159 -0.25 40.87 20.29
C ASP D 159 1.13 40.22 20.36
N LEU D 160 1.38 39.16 19.57
CA LEU D 160 2.70 38.61 19.38
C LEU D 160 3.32 39.06 18.06
N LEU D 161 2.72 40.05 17.38
CA LEU D 161 3.29 40.57 16.13
C LEU D 161 3.82 41.97 16.34
N PRO D 162 4.84 42.38 15.58
CA PRO D 162 5.23 43.80 15.62
C PRO D 162 4.15 44.66 15.00
N LYS D 163 4.20 45.94 15.35
CA LYS D 163 3.30 46.90 14.72
C LYS D 163 3.77 47.23 13.30
N ASP D 164 5.07 47.44 13.11
CA ASP D 164 5.64 47.51 11.77
C ASP D 164 5.49 46.15 11.07
N ARG D 165 4.93 46.16 9.87
CA ARG D 165 4.54 44.93 9.19
C ARG D 165 5.32 44.66 7.91
N ASP D 166 6.53 45.22 7.77
CA ASP D 166 7.41 44.83 6.67
C ASP D 166 7.92 43.41 6.88
N TYR D 167 8.25 42.74 5.77
CA TYR D 167 8.52 41.32 5.90
C TYR D 167 9.44 40.83 4.79
N TYR D 168 10.08 39.70 5.07
CA TYR D 168 10.75 38.90 4.06
C TYR D 168 9.82 37.78 3.62
N ARG D 169 9.94 37.36 2.36
CA ARG D 169 9.08 36.34 1.79
C ARG D 169 9.95 35.37 1.00
N TYR D 170 9.73 34.08 1.18
CA TYR D 170 10.41 33.11 0.33
C TYR D 170 9.62 31.82 0.32
N SER D 171 9.95 30.96 -0.64
CA SER D 171 9.34 29.64 -0.74
C SER D 171 10.20 28.62 0.00
N GLY D 172 9.61 27.87 0.93
CA GLY D 172 10.37 26.99 1.79
C GLY D 172 9.61 25.74 2.24
N SER D 173 9.89 25.33 3.47
CA SER D 173 9.45 24.05 3.99
C SER D 173 9.09 24.20 5.46
N LEU D 174 8.39 23.20 5.98
CA LEU D 174 8.37 22.97 7.42
C LEU D 174 9.79 22.77 7.93
N THR D 175 10.05 23.25 9.14
CA THR D 175 11.39 23.07 9.68
C THR D 175 11.50 21.87 10.62
N THR D 176 10.45 21.07 10.72
CA THR D 176 10.48 19.80 11.42
C THR D 176 9.93 18.73 10.49
N PRO D 177 10.27 17.46 10.74
CA PRO D 177 9.73 16.37 9.90
C PRO D 177 8.21 16.43 9.86
N PRO D 178 7.59 16.16 8.71
CA PRO D 178 8.18 15.66 7.46
C PRO D 178 8.92 16.67 6.56
N CYS D 179 9.04 17.95 6.97
CA CYS D 179 9.75 18.99 6.22
C CYS D 179 9.11 19.28 4.87
N THR D 180 7.78 19.14 4.80
CA THR D 180 7.06 19.36 3.54
C THR D 180 7.42 20.69 2.92
N GLU D 181 7.61 20.70 1.60
CA GLU D 181 7.95 21.92 0.88
C GLU D 181 6.67 22.55 0.33
N GLY D 182 6.80 23.60 -0.47
CA GLY D 182 5.65 24.36 -0.91
C GLY D 182 5.10 25.28 0.17
N VAL D 183 5.85 25.53 1.24
CA VAL D 183 5.44 26.38 2.34
C VAL D 183 5.77 27.83 2.01
N LEU D 184 4.78 28.71 2.12
CA LEU D 184 5.06 30.13 1.99
C LEU D 184 5.56 30.68 3.33
N TRP D 185 6.77 31.23 3.34
CA TRP D 185 7.33 31.84 4.54
C TRP D 185 7.21 33.35 4.49
N ILE D 186 6.69 33.93 5.57
CA ILE D 186 6.59 35.36 5.76
C ILE D 186 7.30 35.66 7.07
N VAL D 187 8.48 36.27 7.00
CA VAL D 187 9.27 36.59 8.19
C VAL D 187 9.22 38.10 8.41
N LEU D 188 8.65 38.52 9.53
CA LEU D 188 8.51 39.94 9.81
C LEU D 188 9.87 40.55 10.12
N LYS D 189 10.11 41.73 9.55
CA LYS D 189 11.42 42.36 9.63
C LYS D 189 11.70 42.90 11.04
N GLN D 190 10.70 43.49 11.68
CA GLN D 190 10.87 44.14 12.98
C GLN D 190 10.74 43.13 14.10
N PRO D 191 11.76 42.93 14.94
CA PRO D 191 11.59 42.05 16.11
C PRO D 191 10.79 42.71 17.21
N ILE D 192 10.12 41.88 18.01
CA ILE D 192 9.53 42.36 19.26
C ILE D 192 10.36 41.80 20.41
N THR D 193 9.89 41.95 21.64
CA THR D 193 10.73 41.67 22.79
C THR D 193 10.09 40.62 23.70
N ALA D 194 10.95 39.81 24.30
CA ALA D 194 10.61 38.97 25.43
C ALA D 194 11.64 39.23 26.53
N SER D 195 11.25 39.02 27.79
CA SER D 195 12.18 39.28 28.88
C SER D 195 13.23 38.19 28.98
N LYS D 196 14.30 38.50 29.69
CA LYS D 196 15.30 37.50 30.03
C LYS D 196 14.67 36.30 30.73
N GLN D 197 13.79 36.57 31.68
CA GLN D 197 13.09 35.51 32.40
C GLN D 197 12.29 34.65 31.45
N GLN D 198 11.63 35.26 30.45
CA GLN D 198 10.84 34.45 29.53
C GLN D 198 11.73 33.57 28.66
N ILE D 199 12.87 34.09 28.21
CA ILE D 199 13.76 33.28 27.38
C ILE D 199 14.42 32.18 28.22
N GLU D 200 14.83 32.51 29.44
CA GLU D 200 15.48 31.51 30.29
C GLU D 200 14.53 30.38 30.65
N LEU D 201 13.27 30.71 30.97
CA LEU D 201 12.31 29.66 31.31
C LEU D 201 12.08 28.72 30.14
N PHE D 202 11.95 29.27 28.93
CA PHE D 202 11.71 28.41 27.78
C PHE D 202 12.92 27.53 27.47
N LYS D 203 14.11 28.12 27.43
CA LYS D 203 15.31 27.34 27.21
C LYS D 203 15.44 26.26 28.28
N SER D 204 15.04 26.57 29.50
CA SER D 204 15.21 25.62 30.61
C SER D 204 14.25 24.43 30.45
N ILE D 205 13.01 24.69 30.03
CA ILE D 205 12.03 23.63 29.83
C ILE D 205 12.38 22.78 28.60
N MET D 206 12.70 23.42 27.48
CA MET D 206 13.33 22.64 26.43
C MET D 206 14.65 22.16 27.00
N LYS D 207 15.09 20.98 26.64
CA LYS D 207 16.31 20.65 27.37
C LYS D 207 17.53 21.34 26.75
N HIS D 208 17.51 21.51 25.44
CA HIS D 208 18.59 22.04 24.64
C HIS D 208 17.97 22.92 23.57
N ASN D 209 18.82 23.49 22.73
CA ASN D 209 18.34 24.25 21.58
C ASN D 209 17.35 23.43 20.78
N ASN D 210 16.38 24.12 20.20
CA ASN D 210 15.34 23.42 19.43
C ASN D 210 15.13 24.12 18.10
N ASN D 211 16.23 24.51 17.45
CA ASN D 211 16.21 25.12 16.14
C ASN D 211 16.90 24.21 15.12
N ARG D 212 16.28 24.04 13.97
CA ARG D 212 16.95 23.36 12.87
C ARG D 212 18.05 24.26 12.30
N PRO D 213 19.24 23.72 12.01
CA PRO D 213 20.28 24.54 11.37
C PRO D 213 19.79 25.05 10.02
N THR D 214 20.29 26.22 9.64
CA THR D 214 19.89 26.82 8.37
C THR D 214 20.33 25.94 7.21
N GLN D 215 19.58 26.02 6.15
CA GLN D 215 19.64 25.14 5.01
C GLN D 215 20.09 25.91 3.77
N PRO D 216 20.73 25.23 2.81
CA PRO D 216 21.20 25.91 1.60
C PRO D 216 20.07 26.62 0.85
N ILE D 217 20.29 27.90 0.54
CA ILE D 217 19.34 28.68 -0.24
C ILE D 217 19.16 28.11 -1.66
N ASN D 218 20.19 27.46 -2.19
CA ASN D 218 20.20 26.92 -3.55
C ASN D 218 19.79 27.98 -4.57
N SER D 219 18.76 27.73 -5.36
CA SER D 219 18.40 28.65 -6.43
C SER D 219 17.36 29.70 -6.04
N ARG D 220 17.06 29.87 -4.76
CA ARG D 220 16.02 30.80 -4.31
C ARG D 220 16.55 32.21 -4.06
N TYR D 221 15.65 33.19 -4.20
CA TYR D 221 15.83 34.53 -3.65
C TYR D 221 14.83 34.79 -2.53
N ILE D 222 15.26 35.59 -1.56
CA ILE D 222 14.39 36.11 -0.52
C ILE D 222 13.96 37.52 -0.93
N LEU D 223 12.65 37.75 -0.95
CA LEU D 223 12.14 39.07 -1.29
C LEU D 223 11.89 39.88 -0.02
N GLU D 224 12.20 41.17 -0.09
CA GLU D 224 11.97 42.11 1.00
C GLU D 224 10.95 43.17 0.56
N SER D 225 9.89 43.35 1.34
CA SER D 225 8.85 44.32 1.00
C SER D 225 9.26 45.77 1.23
N ASN D 226 8.50 46.68 0.65
#